data_6M3S
#
_entry.id   6M3S
#
_cell.length_a   143.735
_cell.length_b   143.735
_cell.length_c   65.289
_cell.angle_alpha   90.000
_cell.angle_beta   90.000
_cell.angle_gamma   120.000
#
_symmetry.space_group_name_H-M   'P 63'
#
loop_
_entity.id
_entity.type
_entity.pdbx_description
1 polymer 'Isocitrate dehydrogenase'
2 non-polymer NICOTINAMIDE-ADENINE-DINUCLEOTIDE
3 non-polymer 'ISOCITRATE CALCIUM COMPLEX'
4 non-polymer GLYCEROL
5 water water
#
_entity_poly.entity_id   1
_entity_poly.type   'polypeptide(L)'
_entity_poly.pdbx_seq_one_letter_code
;MGHHHHHHMTQTITVIRGDGIGPEIMDATLFVLDALQAGLTYEYADAGLVALEKHGDLLPESTLASITKNKVALKSPLTT
PVGEGFSSINVAMRRKFDLYANVRPAKSFPNTKSRFADGVDLITVRENTEGAYLSEGQEVSADGEVAVSGARVTRKGSER
IVRYAFDLARATGRKKVTAVHKANIIKSTSGLFLKVARDVATQYPEIEFQEMIVDNTCMQLVMRPEQFDIIVTTNLFGDI
ISDLCAGLVGGLGLAPGANIGVDAAIFEAVHGSAPDIAGQGKANPCALLLGAAQMLDHIGQPQNAERLREAIVATLEAKD
SLTPDLGGTGNTMGFAKAIASRL
;
_entity_poly.pdbx_strand_id   A,B
#
loop_
_chem_comp.id
_chem_comp.type
_chem_comp.name
_chem_comp.formula
GOL non-polymer GLYCEROL 'C3 H8 O3'
ICA non-polymer 'ISOCITRATE CALCIUM COMPLEX' 'C6 H7 Ca O7'
NAD non-polymer NICOTINAMIDE-ADENINE-DINUCLEOTIDE 'C21 H27 N7 O14 P2'
#
# COMPACT_ATOMS: atom_id res chain seq x y z
N GLN A 11 -19.76 20.79 10.92
CA GLN A 11 -19.80 19.37 11.37
C GLN A 11 -18.63 18.62 10.74
N THR A 12 -18.25 17.48 11.35
CA THR A 12 -17.06 16.69 10.92
C THR A 12 -17.51 15.56 10.01
N ILE A 13 -16.79 15.37 8.90
CA ILE A 13 -16.98 14.19 8.00
C ILE A 13 -15.67 13.43 7.92
N THR A 14 -15.76 12.11 7.85
CA THR A 14 -14.61 11.23 7.58
C THR A 14 -14.24 11.38 6.09
N VAL A 15 -12.96 11.62 5.80
CA VAL A 15 -12.45 11.70 4.41
C VAL A 15 -11.47 10.56 4.19
N ILE A 16 -11.72 9.72 3.18
CA ILE A 16 -10.81 8.66 2.74
C ILE A 16 -10.23 9.04 1.37
N ARG A 17 -8.93 9.31 1.32
CA ARG A 17 -8.27 9.89 0.13
C ARG A 17 -8.00 8.80 -0.90
N GLY A 18 -7.83 7.54 -0.47
CA GLY A 18 -7.84 6.36 -1.35
C GLY A 18 -6.63 6.22 -2.27
N ASP A 19 -6.85 5.60 -3.44
CA ASP A 19 -5.82 4.99 -4.32
C ASP A 19 -5.88 5.63 -5.71
N GLY A 20 -4.83 5.43 -6.51
CA GLY A 20 -4.77 5.89 -7.91
C GLY A 20 -5.05 7.38 -8.02
N ILE A 21 -6.16 7.75 -8.66
CA ILE A 21 -6.60 9.16 -8.84
C ILE A 21 -7.25 9.70 -7.57
N GLY A 22 -7.61 8.82 -6.62
CA GLY A 22 -8.28 9.22 -5.37
C GLY A 22 -7.71 10.49 -4.75
N PRO A 23 -6.40 10.51 -4.43
CA PRO A 23 -5.76 11.68 -3.82
C PRO A 23 -5.93 13.01 -4.56
N GLU A 24 -5.67 13.03 -5.87
CA GLU A 24 -5.79 14.25 -6.70
C GLU A 24 -7.23 14.73 -6.67
N ILE A 25 -8.20 13.83 -6.88
CA ILE A 25 -9.62 14.27 -7.02
C ILE A 25 -10.13 14.71 -5.65
N MET A 26 -9.67 14.07 -4.57
CA MET A 26 -10.12 14.47 -3.21
C MET A 26 -9.52 15.86 -2.92
N ASP A 27 -8.27 16.09 -3.34
CA ASP A 27 -7.63 17.43 -3.21
C ASP A 27 -8.57 18.46 -3.85
N ALA A 28 -8.96 18.23 -5.11
CA ALA A 28 -9.78 19.15 -5.92
C ALA A 28 -11.13 19.32 -5.24
N THR A 29 -11.71 18.23 -4.74
CA THR A 29 -13.06 18.27 -4.15
C THR A 29 -13.04 19.14 -2.90
N LEU A 30 -12.09 18.91 -2.00
CA LEU A 30 -12.02 19.64 -0.71
C LEU A 30 -11.72 21.12 -0.98
N PHE A 31 -10.88 21.41 -1.98
CA PHE A 31 -10.67 22.80 -2.44
C PHE A 31 -12.03 23.46 -2.71
N VAL A 32 -12.89 22.80 -3.48
CA VAL A 32 -14.21 23.37 -3.90
C VAL A 32 -15.14 23.42 -2.67
N LEU A 33 -15.13 22.43 -1.79
CA LEU A 33 -16.03 22.47 -0.60
C LEU A 33 -15.63 23.67 0.31
N ASP A 34 -14.34 23.98 0.43
CA ASP A 34 -13.87 25.17 1.20
C ASP A 34 -14.42 26.42 0.51
N ALA A 35 -14.18 26.59 -0.80
CA ALA A 35 -14.67 27.75 -1.58
C ALA A 35 -16.19 27.87 -1.48
N LEU A 36 -16.91 26.77 -1.23
CA LEU A 36 -18.39 26.76 -1.05
C LEU A 36 -18.77 27.19 0.38
N GLN A 37 -17.87 26.99 1.36
CA GLN A 37 -18.06 27.40 2.78
C GLN A 37 -19.18 26.55 3.40
N ALA A 38 -19.04 25.24 3.29
CA ALA A 38 -20.05 24.28 3.75
C ALA A 38 -19.93 24.11 5.27
N GLY A 39 -18.83 24.59 5.85
CA GLY A 39 -18.55 24.53 7.30
C GLY A 39 -18.20 23.11 7.72
N LEU A 40 -17.41 22.43 6.90
CA LEU A 40 -17.06 21.02 7.15
C LEU A 40 -15.64 20.97 7.68
N THR A 41 -15.41 20.16 8.70
CA THR A 41 -14.05 19.80 9.14
C THR A 41 -13.80 18.37 8.68
N TYR A 42 -12.61 18.13 8.12
CA TYR A 42 -12.17 16.87 7.49
C TYR A 42 -11.34 16.05 8.48
N GLU A 43 -11.84 14.86 8.82
CA GLU A 43 -11.13 13.87 9.66
C GLU A 43 -10.64 12.75 8.76
N TYR A 44 -9.32 12.68 8.52
CA TYR A 44 -8.73 11.78 7.51
C TYR A 44 -8.64 10.38 8.09
N ALA A 45 -9.00 9.40 7.27
CA ALA A 45 -8.78 7.99 7.60
C ALA A 45 -8.30 7.21 6.37
N ASP A 46 -7.65 6.09 6.64
CA ASP A 46 -7.13 5.18 5.59
C ASP A 46 -8.02 3.97 5.51
N ALA A 47 -8.17 3.44 4.30
CA ALA A 47 -8.78 2.12 4.03
C ALA A 47 -8.15 1.55 2.78
N GLY A 48 -8.06 0.23 2.72
CA GLY A 48 -7.43 -0.48 1.60
C GLY A 48 -5.91 -0.43 1.67
N LEU A 49 -5.26 -0.31 0.49
CA LEU A 49 -3.79 -0.46 0.29
C LEU A 49 -3.03 0.46 1.26
N VAL A 50 -3.45 1.71 1.41
CA VAL A 50 -2.71 2.68 2.25
C VAL A 50 -2.71 2.21 3.71
N ALA A 51 -3.87 1.89 4.27
CA ALA A 51 -3.98 1.35 5.64
C ALA A 51 -3.19 0.04 5.75
N LEU A 52 -3.30 -0.84 4.75
CA LEU A 52 -2.58 -2.13 4.72
C LEU A 52 -1.07 -1.89 4.84
N GLU A 53 -0.49 -1.06 3.98
CA GLU A 53 0.95 -0.68 3.99
C GLU A 53 1.35 -0.18 5.39
N LYS A 54 0.57 0.73 5.99
CA LYS A 54 1.00 1.46 7.20
C LYS A 54 0.88 0.57 8.44
N HIS A 55 -0.31 0.01 8.72
CA HIS A 55 -0.61 -0.73 9.98
C HIS A 55 -0.95 -2.20 9.73
N GLY A 56 -0.80 -2.73 8.52
CA GLY A 56 -1.05 -4.16 8.25
C GLY A 56 -2.52 -4.54 8.38
N ASP A 57 -3.44 -3.57 8.31
CA ASP A 57 -4.89 -3.86 8.39
C ASP A 57 -5.61 -3.06 7.29
N LEU A 58 -6.29 -3.75 6.37
CA LEU A 58 -7.05 -3.13 5.26
C LEU A 58 -8.09 -2.13 5.81
N LEU A 59 -8.72 -2.43 6.95
CA LEU A 59 -9.85 -1.62 7.51
C LEU A 59 -9.63 -1.41 9.00
N PRO A 60 -8.77 -0.45 9.39
CA PRO A 60 -8.41 -0.27 10.80
C PRO A 60 -9.60 0.14 11.68
N GLU A 61 -9.55 -0.20 12.97
CA GLU A 61 -10.62 0.11 13.96
C GLU A 61 -10.79 1.63 14.08
N SER A 62 -9.72 2.41 13.88
CA SER A 62 -9.75 3.89 13.92
C SER A 62 -10.62 4.43 12.77
N THR A 63 -10.59 3.79 11.61
CA THR A 63 -11.42 4.19 10.44
C THR A 63 -12.88 3.89 10.76
N LEU A 64 -13.17 2.67 11.23
CA LEU A 64 -14.55 2.25 11.59
C LEU A 64 -15.11 3.21 12.65
N ALA A 65 -14.26 3.64 13.60
CA ALA A 65 -14.66 4.53 14.73
C ALA A 65 -14.91 5.95 14.23
N SER A 66 -14.07 6.44 13.30
CA SER A 66 -14.26 7.74 12.60
C SER A 66 -15.66 7.76 11.95
N ILE A 67 -16.00 6.73 11.16
CA ILE A 67 -17.26 6.74 10.39
C ILE A 67 -18.42 6.53 11.36
N THR A 68 -18.27 5.63 12.32
CA THR A 68 -19.31 5.38 13.35
C THR A 68 -19.62 6.69 14.08
N LYS A 69 -18.61 7.50 14.36
CA LYS A 69 -18.78 8.75 15.11
C LYS A 69 -19.44 9.81 14.20
N ASN A 70 -18.90 10.04 13.01
CA ASN A 70 -19.35 11.15 12.11
C ASN A 70 -20.63 10.76 11.36
N LYS A 71 -20.83 9.47 11.07
CA LYS A 71 -22.01 8.92 10.33
C LYS A 71 -22.02 9.39 8.88
N VAL A 72 -21.01 10.18 8.48
CA VAL A 72 -20.90 10.71 7.11
C VAL A 72 -19.44 10.57 6.70
N ALA A 73 -19.21 9.97 5.54
CA ALA A 73 -17.88 9.93 4.93
C ALA A 73 -17.95 10.43 3.49
N LEU A 74 -16.88 11.08 3.07
CA LEU A 74 -16.65 11.32 1.64
C LEU A 74 -15.43 10.50 1.27
N LYS A 75 -15.56 9.62 0.28
CA LYS A 75 -14.55 8.57 -0.02
C LYS A 75 -14.19 8.61 -1.50
N SER A 76 -12.88 8.62 -1.77
CA SER A 76 -12.27 8.43 -3.09
C SER A 76 -12.29 6.93 -3.41
N PRO A 77 -11.99 6.57 -4.67
CA PRO A 77 -11.91 5.15 -5.02
C PRO A 77 -10.81 4.37 -4.28
N LEU A 78 -11.14 3.15 -3.88
CA LEU A 78 -10.20 2.17 -3.29
C LEU A 78 -9.95 1.08 -4.33
N THR A 79 -8.70 0.71 -4.54
CA THR A 79 -8.32 -0.41 -5.41
C THR A 79 -8.69 -1.73 -4.75
N THR A 80 -9.21 -2.67 -5.55
CA THR A 80 -9.40 -4.09 -5.18
C THR A 80 -8.62 -4.93 -6.17
N PRO A 81 -7.71 -5.81 -5.72
CA PRO A 81 -6.93 -6.63 -6.65
C PRO A 81 -7.88 -7.49 -7.50
N VAL A 82 -7.53 -7.70 -8.76
CA VAL A 82 -8.26 -8.60 -9.69
C VAL A 82 -7.69 -10.01 -9.51
N GLY A 83 -8.56 -10.95 -9.15
CA GLY A 83 -8.17 -12.32 -8.78
C GLY A 83 -7.62 -12.35 -7.35
N GLU A 84 -6.73 -13.31 -7.10
CA GLU A 84 -6.21 -13.62 -5.76
C GLU A 84 -5.68 -12.33 -5.11
N GLY A 85 -6.00 -12.16 -3.83
CA GLY A 85 -5.73 -10.96 -3.04
C GLY A 85 -6.94 -10.65 -2.18
N PHE A 86 -6.95 -9.53 -1.49
CA PHE A 86 -8.00 -9.19 -0.51
C PHE A 86 -9.32 -8.95 -1.25
N SER A 87 -10.44 -9.17 -0.58
CA SER A 87 -11.79 -8.81 -1.09
C SER A 87 -12.10 -7.33 -0.75
N SER A 88 -12.94 -6.74 -1.59
CA SER A 88 -13.16 -5.28 -1.74
C SER A 88 -13.42 -4.66 -0.36
N ILE A 89 -12.73 -3.55 -0.10
CA ILE A 89 -12.91 -2.77 1.14
C ILE A 89 -14.12 -1.84 0.95
N ASN A 90 -14.45 -1.50 -0.30
CA ASN A 90 -15.72 -0.80 -0.62
C ASN A 90 -16.88 -1.69 -0.16
N VAL A 91 -16.91 -2.93 -0.63
CA VAL A 91 -17.96 -3.91 -0.24
C VAL A 91 -17.91 -4.07 1.28
N ALA A 92 -16.73 -4.18 1.89
CA ALA A 92 -16.60 -4.48 3.33
C ALA A 92 -17.27 -3.36 4.14
N MET A 93 -17.00 -2.10 3.81
CA MET A 93 -17.63 -0.96 4.50
C MET A 93 -19.14 -0.91 4.27
N ARG A 94 -19.60 -1.25 3.05
CA ARG A 94 -21.06 -1.25 2.74
C ARG A 94 -21.74 -2.33 3.60
N ARG A 95 -21.12 -3.50 3.74
CA ARG A 95 -21.73 -4.55 4.58
C ARG A 95 -21.63 -4.13 6.07
N LYS A 96 -20.47 -3.66 6.51
CA LYS A 96 -20.27 -3.41 7.95
C LYS A 96 -21.29 -2.35 8.41
N PHE A 97 -21.50 -1.29 7.64
CA PHE A 97 -22.39 -0.16 8.05
C PHE A 97 -23.80 -0.35 7.50
N ASP A 98 -24.07 -1.46 6.80
CA ASP A 98 -25.40 -1.81 6.23
C ASP A 98 -25.90 -0.66 5.34
N LEU A 99 -25.04 -0.11 4.45
CA LEU A 99 -25.44 0.99 3.53
C LEU A 99 -26.17 0.36 2.33
N TYR A 100 -27.42 -0.07 2.50
CA TYR A 100 -28.10 -1.02 1.59
C TYR A 100 -28.52 -0.31 0.30
N ALA A 101 -28.63 1.02 0.28
CA ALA A 101 -29.13 1.78 -0.89
C ALA A 101 -27.98 2.51 -1.57
N ASN A 102 -27.60 2.06 -2.76
CA ASN A 102 -26.57 2.76 -3.56
C ASN A 102 -27.32 3.62 -4.60
N VAL A 103 -27.34 4.93 -4.40
CA VAL A 103 -28.14 5.88 -5.22
C VAL A 103 -27.22 6.54 -6.27
N ARG A 104 -27.48 6.24 -7.55
CA ARG A 104 -26.61 6.67 -8.68
C ARG A 104 -27.47 7.40 -9.71
N PRO A 105 -27.64 8.74 -9.60
CA PRO A 105 -28.33 9.52 -10.62
C PRO A 105 -27.46 9.69 -11.87
N ALA A 106 -28.09 9.55 -13.03
CA ALA A 106 -27.48 9.69 -14.37
C ALA A 106 -28.26 10.78 -15.11
N LYS A 107 -27.64 11.95 -15.25
CA LYS A 107 -28.33 13.16 -15.76
C LYS A 107 -27.45 13.82 -16.83
N SER A 108 -28.01 14.03 -18.00
CA SER A 108 -27.36 14.67 -19.17
C SER A 108 -26.84 16.06 -18.76
N PHE A 109 -25.58 16.33 -19.08
CA PHE A 109 -24.90 17.64 -18.91
C PHE A 109 -24.53 18.16 -20.30
N PRO A 110 -24.29 19.49 -20.42
CA PRO A 110 -23.89 20.09 -21.70
C PRO A 110 -22.41 19.86 -22.04
N ASN A 111 -22.09 19.85 -23.34
CA ASN A 111 -20.71 19.87 -23.91
C ASN A 111 -19.94 18.64 -23.44
N THR A 112 -20.65 17.52 -23.28
CA THR A 112 -20.22 16.41 -22.41
C THR A 112 -19.70 15.24 -23.23
N LYS A 113 -19.52 15.38 -24.55
CA LYS A 113 -18.78 14.39 -25.38
C LYS A 113 -19.48 13.01 -25.36
N SER A 114 -20.75 12.94 -24.92
CA SER A 114 -21.57 11.70 -24.93
C SER A 114 -22.12 11.48 -26.34
N ARG A 115 -22.25 10.23 -26.77
CA ARG A 115 -22.79 9.85 -28.11
C ARG A 115 -24.29 10.15 -28.16
N PHE A 116 -24.87 10.63 -27.04
CA PHE A 116 -26.33 10.59 -26.79
C PHE A 116 -26.94 11.98 -26.84
N ALA A 117 -28.27 11.97 -26.85
CA ALA A 117 -29.15 13.16 -26.87
C ALA A 117 -28.96 13.87 -25.53
N ASP A 118 -29.85 14.80 -25.23
CA ASP A 118 -29.77 15.62 -24.00
C ASP A 118 -31.04 15.37 -23.16
N GLY A 119 -31.60 14.15 -23.22
CA GLY A 119 -32.85 13.82 -22.48
C GLY A 119 -32.68 12.71 -21.45
N VAL A 120 -31.46 12.32 -21.04
CA VAL A 120 -31.22 11.28 -20.01
C VAL A 120 -31.42 11.88 -18.60
N ASP A 121 -32.36 11.36 -17.84
CA ASP A 121 -32.59 11.84 -16.46
C ASP A 121 -33.15 10.72 -15.60
N LEU A 122 -32.30 9.88 -15.03
CA LEU A 122 -32.78 8.69 -14.30
C LEU A 122 -31.94 8.50 -13.04
N ILE A 123 -32.38 7.58 -12.20
CA ILE A 123 -31.69 7.25 -10.93
C ILE A 123 -31.67 5.74 -10.86
N THR A 124 -30.48 5.14 -10.82
CA THR A 124 -30.31 3.71 -10.47
C THR A 124 -30.23 3.56 -8.95
N VAL A 125 -31.11 2.73 -8.40
CA VAL A 125 -31.13 2.37 -6.96
C VAL A 125 -30.70 0.90 -6.87
N ARG A 126 -29.48 0.70 -6.42
CA ARG A 126 -28.79 -0.60 -6.50
C ARG A 126 -28.75 -1.16 -5.09
N GLU A 127 -29.23 -2.37 -4.94
CA GLU A 127 -29.11 -3.08 -3.64
C GLU A 127 -27.61 -3.22 -3.34
N ASN A 128 -27.18 -2.92 -2.12
CA ASN A 128 -25.76 -2.58 -1.85
C ASN A 128 -25.11 -3.52 -0.81
N THR A 129 -25.78 -4.58 -0.33
CA THR A 129 -25.27 -5.44 0.78
C THR A 129 -25.31 -6.93 0.46
N GLU A 130 -26.00 -7.38 -0.58
CA GLU A 130 -26.18 -8.84 -0.82
C GLU A 130 -26.04 -9.10 -2.31
N GLY A 131 -26.85 -10.01 -2.84
CA GLY A 131 -26.79 -10.44 -4.24
C GLY A 131 -25.54 -11.27 -4.49
N ALA A 132 -24.86 -11.00 -5.60
CA ALA A 132 -23.73 -11.81 -6.10
C ALA A 132 -22.40 -11.30 -5.56
N TYR A 133 -22.39 -10.21 -4.78
CA TYR A 133 -21.16 -9.57 -4.23
C TYR A 133 -20.92 -10.12 -2.81
N LEU A 134 -20.77 -11.44 -2.75
CA LEU A 134 -20.63 -12.20 -1.49
C LEU A 134 -19.30 -12.97 -1.53
N SER A 135 -18.39 -12.59 -0.64
CA SER A 135 -17.10 -13.27 -0.35
C SER A 135 -17.36 -14.74 -0.03
N GLU A 136 -18.24 -15.02 0.92
CA GLU A 136 -18.55 -16.41 1.37
C GLU A 136 -19.10 -17.21 0.18
N GLY A 137 -18.68 -18.46 0.05
CA GLY A 137 -19.17 -19.38 -1.00
C GLY A 137 -18.23 -19.49 -2.20
N GLN A 138 -17.17 -18.67 -2.26
CA GLN A 138 -16.19 -18.69 -3.37
C GLN A 138 -15.12 -19.73 -3.08
N GLU A 139 -15.00 -20.74 -3.93
CA GLU A 139 -14.08 -21.87 -3.69
C GLU A 139 -13.57 -22.39 -5.04
N VAL A 140 -12.36 -22.94 -5.03
CA VAL A 140 -11.77 -23.63 -6.21
C VAL A 140 -11.39 -25.04 -5.75
N SER A 141 -11.64 -26.03 -6.59
CA SER A 141 -11.31 -27.46 -6.34
C SER A 141 -9.79 -27.60 -6.17
N ALA A 142 -9.36 -28.62 -5.42
CA ALA A 142 -7.92 -28.85 -5.09
C ALA A 142 -7.06 -28.86 -6.37
N ASP A 143 -7.55 -29.52 -7.43
CA ASP A 143 -6.83 -29.69 -8.72
C ASP A 143 -6.91 -28.42 -9.59
N GLY A 144 -7.66 -27.39 -9.20
CA GLY A 144 -7.73 -26.10 -9.92
C GLY A 144 -8.62 -26.15 -11.16
N GLU A 145 -9.50 -27.14 -11.27
CA GLU A 145 -10.32 -27.45 -12.48
C GLU A 145 -11.73 -26.80 -12.38
N VAL A 146 -12.37 -26.83 -11.21
CA VAL A 146 -13.77 -26.37 -10.98
C VAL A 146 -13.81 -25.20 -9.97
N ALA A 147 -14.50 -24.11 -10.31
CA ALA A 147 -14.74 -22.99 -9.37
C ALA A 147 -16.25 -22.80 -9.20
N VAL A 148 -16.66 -22.43 -8.00
CA VAL A 148 -18.07 -22.08 -7.67
C VAL A 148 -18.12 -20.73 -6.96
N SER A 149 -19.27 -20.07 -7.12
CA SER A 149 -19.62 -18.80 -6.45
C SER A 149 -21.12 -18.78 -6.23
N GLY A 150 -21.55 -17.98 -5.29
CA GLY A 150 -22.94 -17.98 -4.83
C GLY A 150 -23.46 -16.58 -4.78
N ALA A 151 -24.78 -16.47 -4.81
CA ALA A 151 -25.53 -15.23 -4.59
C ALA A 151 -26.57 -15.52 -3.51
N ARG A 152 -26.83 -14.55 -2.67
CA ARG A 152 -27.87 -14.62 -1.63
C ARG A 152 -28.79 -13.41 -1.80
N VAL A 153 -30.10 -13.67 -1.82
CA VAL A 153 -31.14 -12.61 -1.78
C VAL A 153 -32.16 -12.97 -0.69
N THR A 154 -32.56 -11.97 0.09
CA THR A 154 -33.52 -12.09 1.22
C THR A 154 -34.73 -11.20 0.93
N ARG A 155 -35.84 -11.58 1.56
CA ARG A 155 -37.10 -10.81 1.55
C ARG A 155 -36.84 -9.44 2.18
N LYS A 156 -36.10 -9.41 3.28
CA LYS A 156 -35.78 -8.15 4.01
C LYS A 156 -34.95 -7.21 3.12
N GLY A 157 -33.90 -7.74 2.48
CA GLY A 157 -32.97 -6.92 1.67
C GLY A 157 -33.67 -6.40 0.43
N SER A 158 -34.47 -7.25 -0.21
CA SER A 158 -35.27 -6.89 -1.41
C SER A 158 -36.30 -5.84 -1.00
N GLU A 159 -36.95 -6.04 0.13
CA GLU A 159 -38.06 -5.14 0.52
C GLU A 159 -37.53 -3.74 0.79
N ARG A 160 -36.45 -3.64 1.55
CA ARG A 160 -35.92 -2.34 1.99
C ARG A 160 -35.46 -1.57 0.75
N ILE A 161 -34.85 -2.22 -0.25
CA ILE A 161 -34.27 -1.51 -1.44
C ILE A 161 -35.42 -1.05 -2.36
N VAL A 162 -36.46 -1.86 -2.52
CA VAL A 162 -37.63 -1.47 -3.36
C VAL A 162 -38.41 -0.35 -2.66
N ARG A 163 -38.63 -0.46 -1.35
CA ARG A 163 -39.19 0.66 -0.54
C ARG A 163 -38.36 1.92 -0.78
N TYR A 164 -37.03 1.79 -0.83
CA TYR A 164 -36.17 2.98 -0.95
C TYR A 164 -36.48 3.61 -2.31
N ALA A 165 -36.67 2.77 -3.33
CA ALA A 165 -36.91 3.25 -4.71
C ALA A 165 -38.24 4.02 -4.80
N PHE A 166 -39.31 3.47 -4.24
CA PHE A 166 -40.67 4.07 -4.22
C PHE A 166 -40.70 5.31 -3.32
N ASP A 167 -40.07 5.30 -2.14
CA ASP A 167 -39.98 6.50 -1.26
C ASP A 167 -39.19 7.60 -1.98
N LEU A 168 -38.13 7.25 -2.69
CA LEU A 168 -37.36 8.22 -3.49
C LEU A 168 -38.22 8.79 -4.61
N ALA A 169 -39.09 8.00 -5.22
CA ALA A 169 -39.98 8.49 -6.31
C ALA A 169 -40.88 9.58 -5.71
N ARG A 170 -41.47 9.32 -4.55
CA ARG A 170 -42.39 10.28 -3.89
C ARG A 170 -41.63 11.53 -3.47
N ALA A 171 -40.45 11.39 -2.88
CA ALA A 171 -39.69 12.56 -2.38
C ALA A 171 -39.18 13.43 -3.53
N THR A 172 -39.08 12.88 -4.73
CA THR A 172 -38.42 13.58 -5.87
C THR A 172 -39.49 14.04 -6.90
N GLY A 173 -40.76 13.66 -6.72
CA GLY A 173 -41.83 13.85 -7.73
C GLY A 173 -41.69 12.93 -8.94
N ARG A 174 -40.97 11.80 -8.86
CA ARG A 174 -40.74 10.97 -10.08
C ARG A 174 -41.89 9.97 -10.19
N LYS A 175 -42.15 9.44 -11.38
CA LYS A 175 -43.46 8.81 -11.68
C LYS A 175 -43.32 7.32 -11.94
N LYS A 176 -42.11 6.82 -12.21
CA LYS A 176 -41.99 5.39 -12.58
C LYS A 176 -40.80 4.76 -11.86
N VAL A 177 -41.05 3.55 -11.36
CA VAL A 177 -40.02 2.62 -10.84
C VAL A 177 -40.00 1.37 -11.74
N THR A 178 -38.83 1.02 -12.26
CA THR A 178 -38.60 -0.21 -13.05
C THR A 178 -37.68 -1.17 -12.26
N ALA A 179 -38.20 -2.35 -11.93
CA ALA A 179 -37.46 -3.41 -11.20
C ALA A 179 -36.79 -4.27 -12.25
N VAL A 180 -35.46 -4.34 -12.23
CA VAL A 180 -34.69 -5.08 -13.27
C VAL A 180 -34.27 -6.40 -12.65
N HIS A 181 -34.41 -7.48 -13.40
CA HIS A 181 -34.20 -8.85 -12.87
C HIS A 181 -33.76 -9.81 -13.97
N LYS A 182 -33.43 -11.04 -13.58
CA LYS A 182 -33.27 -12.17 -14.54
C LYS A 182 -34.01 -13.37 -13.94
N ALA A 183 -35.22 -13.13 -13.45
CA ALA A 183 -36.00 -14.13 -12.70
C ALA A 183 -36.50 -15.23 -13.64
N ASN A 184 -36.34 -15.11 -14.96
CA ASN A 184 -36.63 -16.21 -15.92
C ASN A 184 -35.59 -17.34 -15.79
N ILE A 185 -34.32 -16.99 -15.61
CA ILE A 185 -33.21 -18.00 -15.55
C ILE A 185 -32.81 -18.28 -14.10
N ILE A 186 -32.71 -17.23 -13.30
CA ILE A 186 -32.24 -17.29 -11.88
C ILE A 186 -33.48 -17.13 -10.98
N LYS A 187 -34.28 -18.20 -10.91
CA LYS A 187 -35.67 -18.15 -10.37
C LYS A 187 -35.67 -17.94 -8.86
N SER A 188 -34.67 -18.45 -8.16
CA SER A 188 -34.60 -18.38 -6.68
C SER A 188 -34.31 -16.95 -6.24
N THR A 189 -33.13 -16.41 -6.57
CA THR A 189 -32.65 -15.12 -5.98
C THR A 189 -33.28 -13.93 -6.71
N SER A 190 -33.12 -13.87 -8.03
CA SER A 190 -33.72 -12.78 -8.83
C SER A 190 -35.26 -12.87 -8.76
N GLY A 191 -35.78 -14.09 -8.79
CA GLY A 191 -37.23 -14.39 -8.59
C GLY A 191 -37.79 -13.84 -7.29
N LEU A 192 -37.09 -14.06 -6.17
N LEU A 192 -37.09 -14.07 -6.15
CA LEU A 192 -37.53 -13.58 -4.83
CA LEU A 192 -37.53 -13.57 -4.82
C LEU A 192 -37.49 -12.04 -4.80
C LEU A 192 -37.50 -12.04 -4.81
N PHE A 193 -36.46 -11.43 -5.39
CA PHE A 193 -36.39 -9.95 -5.49
C PHE A 193 -37.62 -9.42 -6.27
N LEU A 194 -37.93 -10.04 -7.41
CA LEU A 194 -39.05 -9.58 -8.27
C LEU A 194 -40.40 -9.74 -7.55
N LYS A 195 -40.70 -10.86 -6.89
CA LYS A 195 -41.97 -11.04 -6.13
C LYS A 195 -42.05 -9.99 -5.02
N VAL A 196 -40.95 -9.73 -4.30
CA VAL A 196 -40.97 -8.67 -3.26
C VAL A 196 -41.20 -7.31 -3.92
N ALA A 197 -40.60 -7.04 -5.07
CA ALA A 197 -40.83 -5.75 -5.76
C ALA A 197 -42.32 -5.60 -6.11
N ARG A 198 -42.97 -6.62 -6.65
CA ARG A 198 -44.42 -6.54 -7.00
C ARG A 198 -45.25 -6.24 -5.74
N ASP A 199 -44.99 -6.91 -4.62
CA ASP A 199 -45.73 -6.67 -3.37
C ASP A 199 -45.48 -5.23 -2.88
N VAL A 200 -44.25 -4.73 -2.92
CA VAL A 200 -44.02 -3.34 -2.45
C VAL A 200 -44.74 -2.35 -3.39
N ALA A 201 -44.65 -2.51 -4.71
CA ALA A 201 -45.32 -1.63 -5.70
C ALA A 201 -46.80 -1.41 -5.32
N THR A 202 -47.46 -2.46 -4.87
CA THR A 202 -48.86 -2.47 -4.36
C THR A 202 -49.10 -1.31 -3.38
N GLN A 203 -48.13 -0.95 -2.54
CA GLN A 203 -48.35 0.06 -1.47
C GLN A 203 -48.07 1.48 -2.00
N TYR A 204 -47.75 1.66 -3.28
CA TYR A 204 -47.49 3.00 -3.87
C TYR A 204 -48.28 3.13 -5.17
N PRO A 205 -49.64 3.11 -5.11
CA PRO A 205 -50.46 2.81 -6.29
C PRO A 205 -50.38 3.92 -7.35
N GLU A 206 -50.02 5.15 -6.98
CA GLU A 206 -49.92 6.31 -7.91
C GLU A 206 -48.59 6.28 -8.68
N ILE A 207 -47.61 5.47 -8.26
CA ILE A 207 -46.30 5.37 -8.96
C ILE A 207 -46.46 4.24 -9.97
N GLU A 208 -46.04 4.46 -11.21
CA GLU A 208 -46.05 3.38 -12.21
C GLU A 208 -44.99 2.34 -11.81
N PHE A 209 -45.37 1.07 -11.80
CA PHE A 209 -44.44 -0.05 -11.59
C PHE A 209 -44.25 -0.80 -12.90
N GLN A 210 -42.99 -0.97 -13.28
CA GLN A 210 -42.60 -1.74 -14.49
C GLN A 210 -41.55 -2.80 -14.07
N GLU A 211 -41.64 -3.98 -14.66
CA GLU A 211 -40.58 -5.02 -14.55
C GLU A 211 -39.95 -5.22 -15.91
N MET A 212 -38.66 -5.51 -15.91
CA MET A 212 -37.85 -5.60 -17.13
C MET A 212 -36.64 -6.49 -16.88
N ILE A 213 -36.41 -7.40 -17.82
CA ILE A 213 -35.27 -8.34 -17.76
C ILE A 213 -34.00 -7.54 -18.08
N VAL A 214 -32.88 -7.92 -17.47
CA VAL A 214 -31.68 -7.04 -17.36
C VAL A 214 -31.07 -6.80 -18.75
N ASP A 215 -31.07 -7.81 -19.62
CA ASP A 215 -30.46 -7.72 -20.97
C ASP A 215 -31.30 -6.78 -21.85
N ASN A 216 -32.61 -6.97 -21.86
CA ASN A 216 -33.57 -6.03 -22.49
C ASN A 216 -33.29 -4.63 -21.94
N THR A 217 -33.10 -4.49 -20.63
CA THR A 217 -32.93 -3.16 -19.99
C THR A 217 -31.69 -2.46 -20.60
N CYS A 218 -30.58 -3.17 -20.75
CA CYS A 218 -29.33 -2.58 -21.33
C CYS A 218 -29.55 -2.20 -22.80
N MET A 219 -30.27 -3.00 -23.57
CA MET A 219 -30.66 -2.68 -24.97
C MET A 219 -31.53 -1.41 -24.98
N GLN A 220 -32.53 -1.34 -24.11
CA GLN A 220 -33.43 -0.16 -23.96
C GLN A 220 -32.61 1.08 -23.56
N LEU A 221 -31.56 0.91 -22.76
CA LEU A 221 -30.82 2.08 -22.20
C LEU A 221 -30.03 2.69 -23.37
N VAL A 222 -29.56 1.88 -24.28
CA VAL A 222 -28.73 2.45 -25.37
C VAL A 222 -29.63 2.91 -26.51
N MET A 223 -30.94 2.61 -26.51
CA MET A 223 -31.81 3.01 -27.64
C MET A 223 -32.69 4.20 -27.24
N ARG A 224 -33.39 4.12 -26.12
CA ARG A 224 -34.21 5.26 -25.61
C ARG A 224 -34.11 5.32 -24.09
N PRO A 225 -32.97 5.78 -23.55
CA PRO A 225 -32.84 5.91 -22.09
C PRO A 225 -33.87 6.87 -21.48
N GLU A 226 -34.55 7.69 -22.31
CA GLU A 226 -35.53 8.73 -21.87
C GLU A 226 -36.73 8.04 -21.22
N GLN A 227 -36.99 6.78 -21.56
CA GLN A 227 -38.14 6.02 -21.01
C GLN A 227 -37.94 5.74 -19.51
N PHE A 228 -36.72 5.78 -19.00
CA PHE A 228 -36.46 5.37 -17.60
C PHE A 228 -36.57 6.55 -16.64
N ASP A 229 -37.07 6.26 -15.44
CA ASP A 229 -37.20 7.26 -14.35
C ASP A 229 -36.33 6.81 -13.17
N ILE A 230 -36.85 5.98 -12.29
CA ILE A 230 -36.03 5.24 -11.29
C ILE A 230 -35.92 3.79 -11.73
N ILE A 231 -34.69 3.27 -11.74
CA ILE A 231 -34.39 1.83 -11.91
C ILE A 231 -33.98 1.25 -10.55
N VAL A 232 -34.60 0.15 -10.14
CA VAL A 232 -34.23 -0.55 -8.88
C VAL A 232 -33.83 -1.98 -9.24
N THR A 233 -32.69 -2.43 -8.74
CA THR A 233 -32.15 -3.75 -9.08
C THR A 233 -31.20 -4.25 -8.00
N THR A 234 -30.76 -5.48 -8.18
CA THR A 234 -29.82 -6.18 -7.30
C THR A 234 -28.38 -5.71 -7.56
N ASN A 235 -27.47 -6.18 -6.71
CA ASN A 235 -26.12 -5.59 -6.52
C ASN A 235 -25.30 -5.57 -7.83
N LEU A 236 -25.05 -6.73 -8.41
CA LEU A 236 -24.22 -6.89 -9.64
C LEU A 236 -24.93 -6.20 -10.82
N PHE A 237 -26.24 -6.37 -10.97
CA PHE A 237 -26.95 -5.79 -12.15
C PHE A 237 -26.87 -4.28 -12.03
N GLY A 238 -27.05 -3.74 -10.82
CA GLY A 238 -27.03 -2.30 -10.56
C GLY A 238 -25.65 -1.74 -10.80
N ASP A 239 -24.61 -2.52 -10.52
CA ASP A 239 -23.20 -2.16 -10.83
C ASP A 239 -23.05 -1.95 -12.35
N ILE A 240 -23.44 -2.95 -13.14
CA ILE A 240 -23.32 -2.93 -14.63
C ILE A 240 -24.17 -1.77 -15.18
N ILE A 241 -25.43 -1.67 -14.74
CA ILE A 241 -26.38 -0.69 -15.32
C ILE A 241 -25.89 0.72 -15.05
N SER A 242 -25.44 0.99 -13.82
N SER A 242 -25.40 0.99 -13.84
CA SER A 242 -24.97 2.33 -13.37
CA SER A 242 -24.99 2.37 -13.44
C SER A 242 -23.74 2.75 -14.19
C SER A 242 -23.71 2.76 -14.21
N ASP A 243 -22.84 1.80 -14.51
CA ASP A 243 -21.66 2.11 -15.35
C ASP A 243 -22.12 2.40 -16.80
N LEU A 244 -23.13 1.68 -17.29
CA LEU A 244 -23.68 1.93 -18.65
C LEU A 244 -24.29 3.33 -18.69
N CYS A 245 -25.07 3.68 -17.68
CA CYS A 245 -25.72 5.01 -17.58
C CYS A 245 -24.67 6.12 -17.45
N ALA A 246 -23.56 5.91 -16.72
CA ALA A 246 -22.47 6.91 -16.66
C ALA A 246 -22.01 7.20 -18.10
N GLY A 247 -21.75 6.16 -18.88
CA GLY A 247 -21.41 6.29 -20.31
C GLY A 247 -22.45 7.10 -21.06
N LEU A 248 -23.73 6.95 -20.72
CA LEU A 248 -24.85 7.65 -21.43
C LEU A 248 -24.73 9.17 -21.26
N VAL A 249 -24.16 9.64 -20.15
CA VAL A 249 -24.21 11.09 -19.78
C VAL A 249 -22.80 11.70 -19.84
N GLY A 250 -21.85 11.09 -20.55
CA GLY A 250 -20.52 11.70 -20.78
C GLY A 250 -19.36 10.93 -20.15
N GLY A 251 -19.64 9.96 -19.29
CA GLY A 251 -18.63 9.01 -18.79
C GLY A 251 -18.56 9.02 -17.27
N LEU A 252 -17.61 8.25 -16.73
CA LEU A 252 -17.30 8.04 -15.30
C LEU A 252 -16.87 9.37 -14.64
N GLY A 253 -16.46 10.37 -15.42
CA GLY A 253 -16.16 11.71 -14.92
C GLY A 253 -17.37 12.45 -14.35
N LEU A 254 -18.58 11.92 -14.50
CA LEU A 254 -19.83 12.69 -14.22
C LEU A 254 -20.89 11.84 -13.50
N ALA A 255 -20.46 10.81 -12.76
CA ALA A 255 -21.38 9.79 -12.20
C ALA A 255 -21.11 9.63 -10.71
N PRO A 256 -21.95 10.23 -9.82
CA PRO A 256 -21.80 10.03 -8.39
C PRO A 256 -22.56 8.79 -7.94
N GLY A 257 -22.25 8.29 -6.74
CA GLY A 257 -22.89 7.12 -6.12
C GLY A 257 -22.86 7.19 -4.60
N ALA A 258 -24.02 7.35 -3.98
CA ALA A 258 -24.16 7.47 -2.53
C ALA A 258 -24.48 6.11 -1.91
N ASN A 259 -23.71 5.67 -0.93
CA ASN A 259 -23.99 4.46 -0.12
C ASN A 259 -24.77 4.90 1.13
N ILE A 260 -26.09 4.74 1.09
CA ILE A 260 -27.00 5.23 2.15
C ILE A 260 -27.48 4.04 2.98
N GLY A 261 -27.34 4.14 4.30
CA GLY A 261 -27.99 3.24 5.25
C GLY A 261 -28.78 4.05 6.25
N VAL A 262 -29.42 3.39 7.22
CA VAL A 262 -30.25 4.04 8.27
C VAL A 262 -29.34 4.96 9.08
N ASP A 263 -28.16 4.50 9.51
CA ASP A 263 -27.40 5.15 10.61
C ASP A 263 -26.09 5.75 10.10
N ALA A 264 -25.74 5.56 8.83
CA ALA A 264 -24.48 6.07 8.27
C ALA A 264 -24.65 6.27 6.76
N ALA A 265 -23.75 7.03 6.16
CA ALA A 265 -23.78 7.27 4.71
C ALA A 265 -22.36 7.54 4.21
N ILE A 266 -21.97 6.90 3.11
CA ILE A 266 -20.63 7.08 2.47
C ILE A 266 -20.87 7.60 1.06
N PHE A 267 -20.38 8.81 0.76
CA PHE A 267 -20.56 9.48 -0.54
C PHE A 267 -19.28 9.27 -1.35
N GLU A 268 -19.42 8.78 -2.59
CA GLU A 268 -18.27 8.52 -3.49
C GLU A 268 -18.67 8.74 -4.95
N ALA A 269 -17.68 8.68 -5.84
CA ALA A 269 -17.85 8.52 -7.30
C ALA A 269 -18.24 7.07 -7.63
N VAL A 270 -18.92 6.86 -8.74
CA VAL A 270 -19.13 5.50 -9.31
C VAL A 270 -17.78 4.89 -9.70
N HIS A 271 -16.87 5.69 -10.28
CA HIS A 271 -15.61 5.17 -10.88
C HIS A 271 -14.67 4.58 -9.82
N GLY A 272 -13.69 3.82 -10.30
CA GLY A 272 -12.58 3.25 -9.52
C GLY A 272 -11.37 4.16 -9.47
N SER A 273 -10.21 3.57 -9.20
CA SER A 273 -8.92 4.25 -8.96
C SER A 273 -8.22 4.62 -10.27
N ALA A 274 -8.72 4.15 -11.42
CA ALA A 274 -8.25 4.58 -12.76
C ALA A 274 -6.74 4.56 -12.83
N PRO A 275 -6.08 3.40 -12.60
CA PRO A 275 -4.62 3.34 -12.54
C PRO A 275 -3.90 3.74 -13.86
N ASP A 276 -4.59 3.72 -15.00
CA ASP A 276 -4.00 4.14 -16.30
C ASP A 276 -3.74 5.65 -16.32
N ILE A 277 -4.35 6.44 -15.44
CA ILE A 277 -4.11 7.92 -15.46
C ILE A 277 -3.74 8.46 -14.08
N ALA A 278 -3.59 7.58 -13.08
CA ALA A 278 -3.38 8.00 -11.67
C ALA A 278 -2.14 8.89 -11.58
N GLY A 279 -2.28 10.04 -10.92
CA GLY A 279 -1.13 10.88 -10.54
C GLY A 279 -0.74 11.86 -11.64
N GLN A 280 -1.49 11.88 -12.75
CA GLN A 280 -1.16 12.70 -13.95
C GLN A 280 -2.01 13.96 -13.99
N GLY A 281 -2.88 14.19 -13.00
CA GLY A 281 -3.75 15.38 -12.99
C GLY A 281 -4.73 15.40 -14.15
N LYS A 282 -4.96 14.24 -14.79
CA LYS A 282 -5.93 14.12 -15.90
C LYS A 282 -7.34 13.85 -15.36
N ALA A 283 -7.45 13.15 -14.21
CA ALA A 283 -8.75 12.65 -13.69
C ALA A 283 -9.76 13.81 -13.64
N ASN A 284 -11.02 13.50 -13.94
CA ASN A 284 -12.18 14.43 -13.87
C ASN A 284 -12.72 14.39 -12.46
N PRO A 285 -12.71 15.51 -11.71
CA PRO A 285 -13.16 15.49 -10.32
C PRO A 285 -14.68 15.63 -10.17
N CYS A 286 -15.41 15.79 -11.28
CA CYS A 286 -16.86 16.11 -11.20
C CYS A 286 -17.61 14.98 -10.51
N ALA A 287 -17.25 13.72 -10.76
CA ALA A 287 -18.00 12.59 -10.19
C ALA A 287 -17.98 12.71 -8.66
N LEU A 288 -16.79 12.85 -8.08
CA LEU A 288 -16.66 12.94 -6.60
C LEU A 288 -17.36 14.22 -6.12
N LEU A 289 -17.31 15.32 -6.87
CA LEU A 289 -17.95 16.60 -6.48
C LEU A 289 -19.47 16.46 -6.47
N LEU A 290 -20.05 15.77 -7.46
CA LEU A 290 -21.51 15.44 -7.48
C LEU A 290 -21.82 14.50 -6.30
N GLY A 291 -20.88 13.62 -5.94
CA GLY A 291 -21.05 12.81 -4.72
C GLY A 291 -21.10 13.69 -3.49
N ALA A 292 -20.22 14.68 -3.39
CA ALA A 292 -20.21 15.67 -2.28
C ALA A 292 -21.53 16.48 -2.28
N ALA A 293 -22.15 16.77 -3.43
CA ALA A 293 -23.47 17.45 -3.50
C ALA A 293 -24.57 16.55 -2.94
N GLN A 294 -24.54 15.26 -3.27
CA GLN A 294 -25.45 14.27 -2.64
C GLN A 294 -25.26 14.32 -1.11
N MET A 295 -24.01 14.39 -0.67
CA MET A 295 -23.68 14.50 0.77
C MET A 295 -24.32 15.77 1.35
N LEU A 296 -24.17 16.92 0.70
CA LEU A 296 -24.71 18.21 1.21
C LEU A 296 -26.22 18.09 1.37
N ASP A 297 -26.90 17.49 0.38
CA ASP A 297 -28.36 17.24 0.48
C ASP A 297 -28.63 16.34 1.69
N HIS A 298 -27.79 15.33 1.90
CA HIS A 298 -28.01 14.31 2.96
C HIS A 298 -27.93 14.96 4.35
N ILE A 299 -27.02 15.91 4.55
CA ILE A 299 -26.73 16.49 5.91
C ILE A 299 -27.55 17.77 6.11
N GLY A 300 -28.42 18.15 5.17
CA GLY A 300 -29.33 19.31 5.32
C GLY A 300 -28.74 20.61 4.80
N GLN A 301 -27.95 20.58 3.71
CA GLN A 301 -27.43 21.81 3.05
C GLN A 301 -27.88 21.86 1.59
N PRO A 302 -29.21 21.81 1.31
CA PRO A 302 -29.70 21.67 -0.06
C PRO A 302 -29.29 22.88 -0.93
N GLN A 303 -29.34 24.07 -0.33
CA GLN A 303 -28.95 25.35 -1.00
C GLN A 303 -27.51 25.21 -1.51
N ASN A 304 -26.60 24.70 -0.68
CA ASN A 304 -25.16 24.60 -1.08
C ASN A 304 -25.01 23.47 -2.11
N ALA A 305 -25.81 22.42 -2.01
CA ALA A 305 -25.76 21.29 -2.95
C ALA A 305 -26.08 21.84 -4.35
N GLU A 306 -27.15 22.62 -4.42
CA GLU A 306 -27.64 23.20 -5.68
C GLU A 306 -26.63 24.21 -6.23
N ARG A 307 -26.02 25.04 -5.39
CA ARG A 307 -24.97 25.98 -5.85
C ARG A 307 -23.83 25.18 -6.51
N LEU A 308 -23.43 24.06 -5.91
CA LEU A 308 -22.29 23.24 -6.41
C LEU A 308 -22.66 22.63 -7.76
N ARG A 309 -23.88 22.10 -7.90
CA ARG A 309 -24.37 21.51 -9.17
C ARG A 309 -24.44 22.59 -10.25
N GLU A 310 -25.02 23.75 -9.95
CA GLU A 310 -25.13 24.89 -10.91
C GLU A 310 -23.74 25.31 -11.39
N ALA A 311 -22.78 25.43 -10.48
CA ALA A 311 -21.40 25.85 -10.82
C ALA A 311 -20.77 24.85 -11.78
N ILE A 312 -21.01 23.55 -11.55
CA ILE A 312 -20.44 22.47 -12.41
C ILE A 312 -21.09 22.57 -13.79
N VAL A 313 -22.41 22.70 -13.84
CA VAL A 313 -23.16 22.84 -15.11
C VAL A 313 -22.62 24.07 -15.85
N ALA A 314 -22.46 25.21 -15.17
CA ALA A 314 -22.04 26.48 -15.81
C ALA A 314 -20.59 26.37 -16.31
N THR A 315 -19.72 25.64 -15.61
CA THR A 315 -18.31 25.43 -16.03
C THR A 315 -18.29 24.59 -17.32
N LEU A 316 -19.18 23.59 -17.41
CA LEU A 316 -19.31 22.73 -18.63
C LEU A 316 -19.84 23.57 -19.79
N GLU A 317 -20.86 24.37 -19.54
CA GLU A 317 -21.45 25.30 -20.54
C GLU A 317 -20.38 26.26 -21.08
N ALA A 318 -19.42 26.68 -20.24
CA ALA A 318 -18.36 27.66 -20.60
C ALA A 318 -17.19 26.96 -21.29
N LYS A 319 -17.08 25.64 -21.18
CA LYS A 319 -15.93 24.82 -21.65
C LYS A 319 -14.64 25.33 -20.96
N ASP A 320 -14.74 25.75 -19.70
CA ASP A 320 -13.63 26.37 -18.93
C ASP A 320 -12.84 25.26 -18.19
N SER A 321 -11.64 24.94 -18.69
CA SER A 321 -10.59 24.13 -18.02
C SER A 321 -11.04 22.68 -17.87
N LEU A 322 -11.71 22.12 -18.88
CA LEU A 322 -12.28 20.75 -18.84
C LEU A 322 -11.15 19.73 -18.97
N THR A 323 -11.29 18.58 -18.32
CA THR A 323 -10.32 17.46 -18.42
C THR A 323 -10.45 16.81 -19.79
N PRO A 324 -9.42 16.08 -20.27
CA PRO A 324 -9.43 15.51 -21.62
C PRO A 324 -10.60 14.57 -21.93
N ASP A 325 -11.22 13.93 -20.92
CA ASP A 325 -12.38 13.01 -21.09
C ASP A 325 -13.60 13.81 -21.57
N LEU A 326 -13.65 15.12 -21.27
CA LEU A 326 -14.70 16.02 -21.85
C LEU A 326 -14.09 16.81 -23.01
N GLY A 327 -12.93 16.39 -23.53
CA GLY A 327 -12.33 16.97 -24.74
C GLY A 327 -11.42 18.15 -24.48
N GLY A 328 -11.38 18.68 -23.25
CA GLY A 328 -10.50 19.80 -22.82
C GLY A 328 -9.05 19.36 -22.71
N THR A 329 -8.16 20.29 -22.31
CA THR A 329 -6.73 20.02 -21.99
C THR A 329 -6.39 20.55 -20.59
N GLY A 330 -7.42 20.99 -19.83
CA GLY A 330 -7.32 21.36 -18.40
C GLY A 330 -6.98 20.17 -17.54
N ASN A 331 -6.63 20.40 -16.27
CA ASN A 331 -6.18 19.34 -15.34
C ASN A 331 -7.15 19.31 -14.16
N THR A 332 -6.94 18.35 -13.27
CA THR A 332 -7.88 18.05 -12.16
C THR A 332 -8.11 19.34 -11.35
N MET A 333 -7.04 19.91 -10.80
CA MET A 333 -7.10 21.13 -9.94
C MET A 333 -7.61 22.33 -10.77
N GLY A 334 -7.06 22.55 -11.96
CA GLY A 334 -7.56 23.59 -12.88
C GLY A 334 -9.08 23.52 -12.98
N PHE A 335 -9.61 22.32 -13.27
CA PHE A 335 -11.05 22.09 -13.48
C PHE A 335 -11.80 22.48 -12.20
N ALA A 336 -11.34 22.01 -11.05
CA ALA A 336 -11.93 22.39 -9.73
C ALA A 336 -11.86 23.91 -9.53
N LYS A 337 -10.75 24.55 -9.88
CA LYS A 337 -10.61 26.02 -9.69
C LYS A 337 -11.64 26.73 -10.56
N ALA A 338 -11.77 26.32 -11.82
CA ALA A 338 -12.78 26.85 -12.75
C ALA A 338 -14.16 26.71 -12.11
N ILE A 339 -14.48 25.57 -11.49
CA ILE A 339 -15.83 25.37 -10.85
C ILE A 339 -15.97 26.30 -9.64
N ALA A 340 -14.94 26.34 -8.78
CA ALA A 340 -14.89 27.22 -7.59
C ALA A 340 -15.20 28.68 -7.99
N SER A 341 -14.55 29.16 -9.07
CA SER A 341 -14.67 30.54 -9.60
C SER A 341 -16.15 30.93 -9.83
N ARG A 342 -17.06 29.97 -10.09
CA ARG A 342 -18.49 30.24 -10.38
C ARG A 342 -19.37 29.89 -9.20
N LEU A 343 -18.82 29.83 -7.98
CA LEU A 343 -19.62 29.54 -6.76
C LEU A 343 -20.21 30.84 -6.20
N HIS B 6 26.42 12.78 -25.04
CA HIS B 6 26.63 11.46 -24.33
C HIS B 6 25.74 11.42 -23.08
N HIS B 7 24.86 10.42 -22.98
CA HIS B 7 24.09 10.11 -21.76
C HIS B 7 24.78 8.99 -20.99
N HIS B 8 24.57 8.94 -19.68
CA HIS B 8 24.89 7.76 -18.82
C HIS B 8 23.87 6.65 -19.11
N MET B 9 24.32 5.40 -18.95
CA MET B 9 23.49 4.17 -19.07
C MET B 9 22.39 4.28 -18.01
N THR B 10 21.15 4.04 -18.39
CA THR B 10 20.06 3.85 -17.39
C THR B 10 20.21 2.45 -16.84
N GLN B 11 20.12 2.35 -15.52
CA GLN B 11 20.13 1.07 -14.77
C GLN B 11 18.79 0.96 -14.03
N THR B 12 18.08 -0.14 -14.29
CA THR B 12 16.82 -0.46 -13.60
C THR B 12 17.12 -1.29 -12.35
N ILE B 13 16.54 -0.89 -11.23
CA ILE B 13 16.62 -1.61 -9.94
C ILE B 13 15.21 -1.97 -9.52
N THR B 14 15.03 -3.13 -8.92
CA THR B 14 13.76 -3.50 -8.29
C THR B 14 13.62 -2.64 -7.03
N VAL B 15 12.43 -2.12 -6.77
CA VAL B 15 12.14 -1.32 -5.55
C VAL B 15 10.97 -1.97 -4.81
N ILE B 16 11.23 -2.39 -3.57
CA ILE B 16 10.22 -3.00 -2.65
C ILE B 16 9.92 -2.01 -1.53
N ARG B 17 8.70 -1.52 -1.45
CA ARG B 17 8.38 -0.35 -0.58
C ARG B 17 8.00 -0.82 0.82
N GLY B 18 7.53 -2.07 0.97
CA GLY B 18 7.44 -2.74 2.28
C GLY B 18 6.25 -2.29 3.11
N ASP B 19 6.39 -2.43 4.44
CA ASP B 19 5.32 -2.26 5.45
C ASP B 19 5.81 -1.26 6.52
N GLY B 20 4.89 -0.83 7.38
CA GLY B 20 5.12 0.11 8.48
C GLY B 20 5.72 1.40 7.99
N ILE B 21 6.95 1.71 8.41
CA ILE B 21 7.69 2.92 7.93
C ILE B 21 8.27 2.68 6.54
N GLY B 22 8.19 1.47 6.00
CA GLY B 22 8.81 1.16 4.69
C GLY B 22 8.44 2.17 3.60
N PRO B 23 7.14 2.35 3.33
CA PRO B 23 6.71 3.26 2.26
C PRO B 23 7.19 4.71 2.41
N GLU B 24 7.11 5.30 3.61
CA GLU B 24 7.53 6.72 3.80
C GLU B 24 9.06 6.82 3.65
N ILE B 25 9.85 5.91 4.22
CA ILE B 25 11.33 6.08 4.07
C ILE B 25 11.74 5.81 2.62
N MET B 26 11.05 4.91 1.91
CA MET B 26 11.41 4.64 0.48
C MET B 26 11.04 5.86 -0.39
N ASP B 27 9.88 6.48 -0.18
CA ASP B 27 9.52 7.75 -0.90
C ASP B 27 10.65 8.79 -0.66
N ALA B 28 11.11 8.94 0.58
CA ALA B 28 12.18 9.87 0.95
C ALA B 28 13.48 9.48 0.25
N THR B 29 13.78 8.19 0.22
CA THR B 29 15.05 7.66 -0.32
C THR B 29 15.05 7.87 -1.83
N LEU B 30 13.94 7.55 -2.51
CA LEU B 30 13.90 7.71 -3.99
C LEU B 30 13.94 9.19 -4.33
N PHE B 31 13.36 10.05 -3.50
CA PHE B 31 13.49 11.51 -3.68
C PHE B 31 14.97 11.88 -3.72
N VAL B 32 15.75 11.46 -2.71
CA VAL B 32 17.20 11.81 -2.58
C VAL B 32 17.97 11.19 -3.75
N LEU B 33 17.67 9.95 -4.15
CA LEU B 33 18.37 9.29 -5.29
C LEU B 33 18.02 10.01 -6.62
N ASP B 34 16.79 10.51 -6.78
CA ASP B 34 16.42 11.31 -8.00
C ASP B 34 17.26 12.61 -7.97
N ALA B 35 17.38 13.25 -6.81
CA ALA B 35 18.19 14.49 -6.68
C ALA B 35 19.66 14.18 -7.00
N LEU B 36 20.16 12.99 -6.65
CA LEU B 36 21.56 12.55 -6.96
C LEU B 36 21.81 12.56 -8.47
N GLN B 37 20.77 12.31 -9.27
CA GLN B 37 20.83 12.16 -10.75
C GLN B 37 21.73 10.98 -11.15
N ALA B 38 21.46 9.81 -10.56
CA ALA B 38 22.26 8.56 -10.68
C ALA B 38 21.88 7.78 -11.95
N GLY B 39 20.78 8.14 -12.61
CA GLY B 39 20.35 7.50 -13.87
C GLY B 39 19.67 6.18 -13.60
N LEU B 40 18.95 6.10 -12.48
CA LEU B 40 18.24 4.89 -12.02
C LEU B 40 16.77 4.97 -12.42
N THR B 41 16.22 3.88 -12.93
CA THR B 41 14.76 3.73 -13.15
C THR B 41 14.30 2.66 -12.19
N TYR B 42 13.11 2.84 -11.63
CA TYR B 42 12.57 2.00 -10.54
C TYR B 42 11.49 1.11 -11.15
N GLU B 43 11.58 -0.16 -10.82
CA GLU B 43 10.57 -1.19 -11.15
C GLU B 43 10.04 -1.72 -9.83
N TYR B 44 8.79 -1.36 -9.47
CA TYR B 44 8.21 -1.64 -8.14
C TYR B 44 7.71 -3.07 -8.09
N ALA B 45 8.04 -3.78 -7.01
CA ALA B 45 7.56 -5.15 -6.72
C ALA B 45 7.10 -5.20 -5.27
N ASP B 46 6.25 -6.16 -4.98
CA ASP B 46 5.68 -6.37 -3.63
C ASP B 46 6.31 -7.65 -3.07
N ALA B 47 6.53 -7.66 -1.75
CA ALA B 47 6.93 -8.87 -0.99
C ALA B 47 6.39 -8.79 0.42
N GLY B 48 6.12 -9.94 1.02
CA GLY B 48 5.57 -10.05 2.38
C GLY B 48 4.08 -9.73 2.42
N LEU B 49 3.62 -9.19 3.56
CA LEU B 49 2.22 -8.76 3.87
C LEU B 49 1.54 -8.17 2.62
N VAL B 50 2.09 -7.07 2.10
CA VAL B 50 1.48 -6.32 0.96
C VAL B 50 1.35 -7.26 -0.24
N ALA B 51 2.37 -8.10 -0.51
CA ALA B 51 2.33 -9.05 -1.65
C ALA B 51 1.21 -10.05 -1.43
N LEU B 52 1.07 -10.53 -0.21
CA LEU B 52 0.05 -11.57 0.08
C LEU B 52 -1.32 -10.97 -0.24
N GLU B 53 -1.59 -9.76 0.23
CA GLU B 53 -2.96 -9.19 0.14
C GLU B 53 -3.23 -8.75 -1.32
N LYS B 54 -2.19 -8.32 -2.03
CA LYS B 54 -2.33 -7.76 -3.39
C LYS B 54 -2.33 -8.87 -4.46
N HIS B 55 -1.61 -9.99 -4.28
CA HIS B 55 -1.42 -11.04 -5.32
C HIS B 55 -1.74 -12.44 -4.81
N GLY B 56 -2.11 -12.56 -3.54
CA GLY B 56 -2.40 -13.88 -2.95
C GLY B 56 -1.14 -14.68 -2.72
N ASP B 57 0.05 -14.05 -2.77
CA ASP B 57 1.35 -14.74 -2.57
C ASP B 57 2.34 -13.80 -1.88
N LEU B 58 2.93 -14.29 -0.77
CA LEU B 58 3.95 -13.60 0.06
C LEU B 58 5.11 -13.16 -0.84
N LEU B 59 5.50 -14.00 -1.79
CA LEU B 59 6.67 -13.73 -2.67
C LEU B 59 6.27 -14.05 -4.10
N PRO B 60 5.57 -13.12 -4.79
CA PRO B 60 5.01 -13.37 -6.11
C PRO B 60 6.08 -13.68 -7.17
N GLU B 61 5.70 -14.45 -8.18
CA GLU B 61 6.60 -14.83 -9.29
C GLU B 61 7.10 -13.58 -10.02
N SER B 62 6.26 -12.56 -10.19
CA SER B 62 6.65 -11.25 -10.79
C SER B 62 7.79 -10.62 -9.97
N THR B 63 7.80 -10.75 -8.64
CA THR B 63 8.84 -10.13 -7.78
C THR B 63 10.15 -10.90 -7.99
N LEU B 64 10.08 -12.23 -8.01
CA LEU B 64 11.28 -13.07 -8.29
C LEU B 64 11.83 -12.76 -9.68
N ALA B 65 10.96 -12.61 -10.69
CA ALA B 65 11.41 -12.37 -12.08
C ALA B 65 12.06 -10.99 -12.16
N SER B 66 11.48 -9.99 -11.50
CA SER B 66 12.03 -8.60 -11.50
C SER B 66 13.45 -8.59 -10.87
N ILE B 67 13.63 -9.23 -9.72
CA ILE B 67 14.96 -9.26 -9.04
C ILE B 67 15.92 -10.09 -9.90
N THR B 68 15.45 -11.19 -10.50
CA THR B 68 16.32 -12.03 -11.37
C THR B 68 16.81 -11.22 -12.58
N LYS B 69 15.92 -10.43 -13.19
CA LYS B 69 16.26 -9.60 -14.38
C LYS B 69 17.25 -8.47 -14.00
N ASN B 70 16.93 -7.64 -13.01
CA ASN B 70 17.74 -6.43 -12.67
C ASN B 70 18.97 -6.78 -11.83
N LYS B 71 18.93 -7.88 -11.05
CA LYS B 71 20.09 -8.35 -10.24
C LYS B 71 20.37 -7.40 -9.06
N VAL B 72 19.57 -6.35 -8.91
CA VAL B 72 19.73 -5.35 -7.82
C VAL B 72 18.34 -4.93 -7.35
N ALA B 73 18.08 -5.02 -6.05
CA ALA B 73 16.87 -4.47 -5.40
C ALA B 73 17.25 -3.54 -4.25
N LEU B 74 16.44 -2.51 -4.08
CA LEU B 74 16.46 -1.59 -2.93
C LEU B 74 15.17 -1.83 -2.17
N LYS B 75 15.27 -2.20 -0.90
CA LYS B 75 14.14 -2.84 -0.21
C LYS B 75 13.91 -2.16 1.14
N SER B 76 12.65 -1.85 1.40
CA SER B 76 12.17 -1.35 2.70
C SER B 76 11.95 -2.55 3.60
N PRO B 77 11.86 -2.35 4.91
CA PRO B 77 11.54 -3.46 5.81
C PRO B 77 10.18 -4.12 5.53
N LEU B 78 10.12 -5.42 5.77
CA LEU B 78 8.91 -6.24 5.71
C LEU B 78 8.60 -6.76 7.11
N THR B 79 7.35 -6.65 7.51
CA THR B 79 6.87 -7.22 8.78
C THR B 79 6.90 -8.75 8.66
N THR B 80 7.38 -9.46 9.68
CA THR B 80 6.99 -10.88 9.83
C THR B 80 6.36 -11.03 11.20
N PRO B 81 5.20 -11.72 11.27
CA PRO B 81 4.42 -11.78 12.51
C PRO B 81 5.16 -12.61 13.55
N VAL B 82 5.06 -12.17 14.80
CA VAL B 82 5.73 -12.82 15.95
C VAL B 82 4.83 -13.97 16.38
N GLY B 83 5.38 -15.19 16.40
CA GLY B 83 4.64 -16.44 16.66
C GLY B 83 3.72 -16.80 15.49
N GLU B 84 2.50 -17.25 15.83
CA GLU B 84 1.47 -17.81 14.91
C GLU B 84 1.37 -16.94 13.64
N GLY B 85 1.79 -17.46 12.48
CA GLY B 85 1.68 -16.73 11.21
C GLY B 85 2.71 -17.17 10.20
N PHE B 86 2.84 -16.43 9.10
CA PHE B 86 3.77 -16.77 7.98
C PHE B 86 5.22 -16.49 8.37
N SER B 87 6.12 -17.18 7.65
CA SER B 87 7.60 -17.18 7.82
C SER B 87 8.20 -16.03 7.03
N SER B 88 9.33 -15.54 7.54
CA SER B 88 10.00 -14.30 7.07
C SER B 88 10.25 -14.36 5.57
N ILE B 89 9.81 -13.33 4.86
CA ILE B 89 10.11 -13.18 3.41
C ILE B 89 11.50 -12.54 3.24
N ASN B 90 12.01 -11.82 4.25
CA ASN B 90 13.43 -11.38 4.25
C ASN B 90 14.31 -12.64 4.13
N VAL B 91 14.16 -13.58 5.05
CA VAL B 91 14.94 -14.84 5.01
C VAL B 91 14.66 -15.59 3.70
N ALA B 92 13.39 -15.70 3.29
CA ALA B 92 12.99 -16.47 2.09
C ALA B 92 13.67 -15.89 0.84
N MET B 93 13.74 -14.56 0.70
CA MET B 93 14.42 -13.93 -0.46
C MET B 93 15.94 -14.14 -0.35
N ARG B 94 16.52 -14.05 0.85
CA ARG B 94 17.99 -14.28 1.04
C ARG B 94 18.35 -15.73 0.65
N ARG B 95 17.50 -16.69 1.01
N ARG B 95 17.49 -16.67 0.99
CA ARG B 95 17.71 -18.11 0.64
CA ARG B 95 17.69 -18.10 0.66
C ARG B 95 17.52 -18.27 -0.87
C ARG B 95 17.50 -18.30 -0.86
N LYS B 96 16.45 -17.71 -1.43
CA LYS B 96 16.07 -17.93 -2.85
C LYS B 96 17.19 -17.42 -3.76
N PHE B 97 17.72 -16.23 -3.49
CA PHE B 97 18.78 -15.61 -4.33
C PHE B 97 20.18 -15.95 -3.80
N ASP B 98 20.28 -16.79 -2.77
CA ASP B 98 21.57 -17.21 -2.18
C ASP B 98 22.44 -15.98 -1.89
N LEU B 99 21.90 -15.00 -1.21
CA LEU B 99 22.61 -13.76 -0.81
C LEU B 99 23.33 -14.05 0.52
N TYR B 100 24.49 -14.68 0.44
CA TYR B 100 25.05 -15.39 1.62
C TYR B 100 25.79 -14.41 2.53
N ALA B 101 26.17 -13.25 2.01
CA ALA B 101 26.94 -12.23 2.75
C ALA B 101 26.02 -11.07 3.08
N ASN B 102 25.70 -10.91 4.37
CA ASN B 102 24.96 -9.73 4.88
C ASN B 102 25.98 -8.77 5.45
N VAL B 103 26.24 -7.68 4.75
CA VAL B 103 27.37 -6.77 5.07
C VAL B 103 26.84 -5.53 5.76
N ARG B 104 27.20 -5.36 7.05
CA ARG B 104 26.62 -4.31 7.92
C ARG B 104 27.70 -3.44 8.53
N PRO B 105 28.08 -2.32 7.87
CA PRO B 105 29.01 -1.33 8.46
C PRO B 105 28.34 -0.50 9.54
N ALA B 106 29.07 -0.26 10.63
CA ALA B 106 28.70 0.63 11.76
C ALA B 106 29.85 1.59 11.99
N LYS B 107 29.57 2.87 11.82
CA LYS B 107 30.56 3.95 11.69
C LYS B 107 30.01 5.15 12.45
N SER B 108 30.77 5.70 13.39
CA SER B 108 30.37 6.89 14.18
C SER B 108 29.97 8.02 13.23
N PHE B 109 28.85 8.67 13.54
CA PHE B 109 28.34 9.90 12.89
C PHE B 109 28.32 11.04 13.90
N PRO B 110 28.34 12.30 13.44
CA PRO B 110 28.32 13.44 14.33
C PRO B 110 26.88 13.73 14.79
N ASN B 111 26.73 14.22 16.01
CA ASN B 111 25.50 14.86 16.56
C ASN B 111 24.35 13.86 16.68
N THR B 112 24.65 12.61 17.03
CA THR B 112 23.59 11.62 17.32
C THR B 112 23.44 11.53 18.84
N LYS B 113 22.48 10.73 19.31
CA LYS B 113 22.21 10.45 20.74
C LYS B 113 22.98 9.20 21.21
N SER B 114 23.98 8.74 20.46
CA SER B 114 24.76 7.57 20.89
C SER B 114 25.66 7.98 22.06
N ARG B 115 25.92 7.04 22.98
CA ARG B 115 26.64 7.23 24.26
C ARG B 115 28.14 7.08 24.03
N PHE B 116 28.57 6.88 22.79
CA PHE B 116 29.96 6.52 22.40
C PHE B 116 30.52 7.67 21.58
N ALA B 117 31.80 7.99 21.80
CA ALA B 117 32.57 8.99 21.03
C ALA B 117 32.80 8.45 19.62
N ASP B 118 33.54 9.18 18.81
CA ASP B 118 33.65 9.04 17.33
C ASP B 118 34.56 7.87 16.90
N GLY B 119 34.92 6.92 17.76
CA GLY B 119 35.93 5.92 17.40
C GLY B 119 35.40 4.65 16.74
N VAL B 120 34.09 4.50 16.56
CA VAL B 120 33.51 3.21 16.06
C VAL B 120 33.60 3.17 14.54
N ASP B 121 34.22 2.14 14.00
CA ASP B 121 34.37 1.96 12.53
C ASP B 121 34.52 0.47 12.21
N LEU B 122 33.43 -0.29 12.23
CA LEU B 122 33.54 -1.74 12.04
C LEU B 122 32.55 -2.19 10.96
N ILE B 123 32.74 -3.41 10.49
CA ILE B 123 31.83 -4.07 9.54
C ILE B 123 31.54 -5.45 10.09
N THR B 124 30.25 -5.74 10.32
CA THR B 124 29.76 -7.11 10.57
C THR B 124 29.49 -7.77 9.22
N VAL B 125 30.08 -8.93 9.01
CA VAL B 125 29.81 -9.86 7.88
C VAL B 125 29.08 -11.04 8.48
N ARG B 126 27.77 -11.09 8.21
CA ARG B 126 26.86 -12.02 8.87
C ARG B 126 26.52 -13.08 7.82
N GLU B 127 26.67 -14.36 8.15
CA GLU B 127 26.23 -15.46 7.26
C GLU B 127 24.70 -15.35 7.12
N ASN B 128 24.20 -15.42 5.90
CA ASN B 128 22.83 -14.93 5.59
C ASN B 128 21.91 -16.03 5.08
N THR B 129 22.32 -17.31 5.02
CA THR B 129 21.48 -18.37 4.40
C THR B 129 21.31 -19.59 5.27
N GLU B 130 22.11 -19.79 6.33
CA GLU B 130 21.92 -21.02 7.15
C GLU B 130 21.90 -20.62 8.62
N GLY B 131 22.44 -21.45 9.50
CA GLY B 131 22.46 -21.22 10.95
C GLY B 131 21.12 -21.52 11.59
N ALA B 132 20.74 -20.70 12.56
CA ALA B 132 19.54 -20.92 13.39
C ALA B 132 18.29 -20.35 12.70
N TYR B 133 18.42 -19.69 11.54
CA TYR B 133 17.27 -19.05 10.84
C TYR B 133 16.72 -20.03 9.81
N LEU B 134 16.36 -21.25 10.23
CA LEU B 134 15.80 -22.25 9.29
C LEU B 134 14.38 -22.60 9.73
N SER B 135 13.43 -22.30 8.85
CA SER B 135 11.98 -22.61 9.01
C SER B 135 11.74 -24.12 9.20
N GLU B 136 12.61 -24.97 8.64
CA GLU B 136 12.47 -26.44 8.69
C GLU B 136 12.96 -26.93 10.06
N GLY B 137 12.36 -28.00 10.57
CA GLY B 137 12.74 -28.60 11.86
C GLY B 137 12.08 -27.90 13.06
N GLN B 138 11.25 -26.87 12.84
CA GLN B 138 10.46 -26.20 13.91
C GLN B 138 9.18 -27.00 14.15
N GLU B 139 9.01 -27.54 15.35
CA GLU B 139 7.87 -28.44 15.71
C GLU B 139 7.46 -28.20 17.16
N VAL B 140 6.16 -28.29 17.40
CA VAL B 140 5.53 -28.25 18.76
C VAL B 140 4.77 -29.57 18.91
N SER B 141 4.95 -30.27 20.04
CA SER B 141 4.25 -31.55 20.32
C SER B 141 2.75 -31.28 20.33
N ALA B 142 1.93 -32.31 20.08
CA ALA B 142 0.46 -32.18 19.93
C ALA B 142 -0.13 -31.55 21.20
N ASP B 143 0.38 -31.91 22.38
CA ASP B 143 -0.16 -31.43 23.68
C ASP B 143 0.38 -30.03 24.06
N GLY B 144 1.06 -29.32 23.15
CA GLY B 144 1.59 -27.95 23.39
C GLY B 144 2.65 -27.86 24.48
N GLU B 145 3.23 -28.98 24.91
CA GLU B 145 4.16 -29.02 26.08
C GLU B 145 5.63 -28.87 25.66
N VAL B 146 6.01 -29.32 24.47
CA VAL B 146 7.45 -29.37 24.10
C VAL B 146 7.64 -28.83 22.68
N ALA B 147 8.49 -27.82 22.53
CA ALA B 147 8.85 -27.29 21.21
C ALA B 147 10.31 -27.62 20.98
N VAL B 148 10.63 -27.88 19.72
CA VAL B 148 12.03 -28.03 19.22
C VAL B 148 12.20 -27.10 18.02
N SER B 149 13.44 -26.67 17.82
CA SER B 149 13.92 -25.93 16.65
C SER B 149 15.37 -26.36 16.44
N GLY B 150 15.90 -26.14 15.25
CA GLY B 150 17.22 -26.66 14.86
C GLY B 150 18.05 -25.59 14.20
N ALA B 151 19.34 -25.87 14.07
CA ALA B 151 20.28 -25.04 13.30
C ALA B 151 21.12 -25.97 12.41
N ARG B 152 21.55 -25.47 11.24
CA ARG B 152 22.39 -26.20 10.29
C ARG B 152 23.52 -25.28 9.84
N VAL B 153 24.77 -25.70 10.00
CA VAL B 153 25.96 -24.99 9.47
C VAL B 153 26.72 -25.96 8.55
N THR B 154 27.17 -25.48 7.39
CA THR B 154 27.87 -26.31 6.39
C THR B 154 29.31 -25.80 6.22
N ARG B 155 30.20 -26.73 5.87
CA ARG B 155 31.58 -26.34 5.47
C ARG B 155 31.51 -25.30 4.36
N LYS B 156 30.72 -25.56 3.31
CA LYS B 156 30.63 -24.66 2.14
C LYS B 156 30.13 -23.27 2.57
N GLY B 157 29.09 -23.21 3.39
CA GLY B 157 28.50 -21.93 3.84
C GLY B 157 29.49 -21.16 4.67
N SER B 158 30.16 -21.84 5.58
CA SER B 158 31.13 -21.18 6.49
C SER B 158 32.34 -20.67 5.69
N GLU B 159 32.81 -21.48 4.75
CA GLU B 159 34.00 -21.17 3.91
C GLU B 159 33.75 -19.85 3.17
N ARG B 160 32.62 -19.77 2.47
CA ARG B 160 32.33 -18.65 1.54
C ARG B 160 32.08 -17.39 2.39
N ILE B 161 31.50 -17.50 3.60
CA ILE B 161 31.25 -16.26 4.39
C ILE B 161 32.59 -15.77 4.93
N VAL B 162 33.45 -16.66 5.40
CA VAL B 162 34.74 -16.20 6.02
C VAL B 162 35.67 -15.70 4.88
N ARG B 163 35.69 -16.37 3.74
CA ARG B 163 36.45 -15.89 2.55
C ARG B 163 35.91 -14.50 2.14
N TYR B 164 34.60 -14.27 2.19
CA TYR B 164 34.03 -12.94 1.90
C TYR B 164 34.67 -11.92 2.85
N ALA B 165 34.71 -12.25 4.13
CA ALA B 165 35.18 -11.31 5.18
C ALA B 165 36.66 -10.95 4.95
N PHE B 166 37.51 -11.95 4.64
CA PHE B 166 38.96 -11.70 4.37
C PHE B 166 39.15 -10.93 3.06
N ASP B 167 38.44 -11.28 1.99
CA ASP B 167 38.49 -10.55 0.70
C ASP B 167 38.08 -9.09 0.94
N LEU B 168 37.08 -8.88 1.79
CA LEU B 168 36.63 -7.50 2.16
C LEU B 168 37.76 -6.80 2.90
N ALA B 169 38.41 -7.48 3.86
CA ALA B 169 39.56 -6.93 4.60
C ALA B 169 40.60 -6.43 3.59
N ARG B 170 40.94 -7.25 2.59
CA ARG B 170 41.98 -6.95 1.59
C ARG B 170 41.54 -5.84 0.63
N ALA B 171 40.29 -5.83 0.17
CA ALA B 171 39.78 -4.81 -0.78
C ALA B 171 39.65 -3.45 -0.09
N THR B 172 39.55 -3.41 1.23
CA THR B 172 39.22 -2.18 1.98
C THR B 172 40.45 -1.71 2.80
N GLY B 173 41.52 -2.48 2.80
CA GLY B 173 42.76 -2.13 3.54
C GLY B 173 42.61 -2.25 5.05
N ARG B 174 41.63 -3.00 5.56
CA ARG B 174 41.55 -3.21 7.04
C ARG B 174 42.33 -4.47 7.39
N LYS B 175 42.65 -4.61 8.66
CA LYS B 175 43.83 -5.38 9.15
C LYS B 175 43.40 -6.57 10.00
N LYS B 176 42.16 -6.62 10.48
CA LYS B 176 41.70 -7.65 11.45
C LYS B 176 40.30 -8.17 11.11
N VAL B 177 40.21 -9.48 11.00
CA VAL B 177 38.96 -10.26 11.00
C VAL B 177 38.85 -11.00 12.32
N THR B 178 37.72 -10.82 13.04
CA THR B 178 37.35 -11.56 14.26
C THR B 178 36.17 -12.50 13.98
N ALA B 179 36.39 -13.81 14.09
CA ALA B 179 35.35 -14.85 14.00
C ALA B 179 34.67 -15.03 15.36
N VAL B 180 33.35 -14.78 15.40
CA VAL B 180 32.55 -14.74 16.64
C VAL B 180 31.71 -16.02 16.66
N HIS B 181 31.70 -16.73 17.78
CA HIS B 181 31.18 -18.10 17.85
C HIS B 181 30.69 -18.41 19.26
N LYS B 182 30.08 -19.58 19.43
CA LYS B 182 29.80 -20.15 20.76
C LYS B 182 30.20 -21.63 20.75
N ALA B 183 31.39 -21.96 20.25
CA ALA B 183 31.77 -23.35 19.92
C ALA B 183 32.10 -24.15 21.19
N ASN B 184 32.26 -23.48 22.33
CA ASN B 184 32.43 -24.15 23.65
C ASN B 184 31.14 -24.90 24.03
N ILE B 185 29.96 -24.34 23.73
CA ILE B 185 28.66 -24.96 24.09
C ILE B 185 28.04 -25.64 22.87
N ILE B 186 28.01 -24.95 21.73
CA ILE B 186 27.35 -25.48 20.51
C ILE B 186 28.49 -25.94 19.60
N LYS B 187 28.98 -27.14 19.87
CA LYS B 187 30.28 -27.67 19.38
C LYS B 187 30.10 -28.11 17.92
N SER B 188 28.97 -28.68 17.57
CA SER B 188 28.70 -29.18 16.19
C SER B 188 28.68 -28.01 15.20
N THR B 189 27.69 -27.12 15.30
CA THR B 189 27.40 -26.08 14.26
C THR B 189 28.37 -24.91 14.37
N SER B 190 28.33 -24.19 15.48
CA SER B 190 29.27 -23.06 15.73
C SER B 190 30.71 -23.57 15.68
N GLY B 191 30.96 -24.79 16.14
CA GLY B 191 32.29 -25.44 16.10
C GLY B 191 32.78 -25.61 14.68
N LEU B 192 31.94 -26.14 13.80
N LEU B 192 31.93 -26.13 13.80
CA LEU B 192 32.29 -26.33 12.36
CA LEU B 192 32.30 -26.30 12.37
C LEU B 192 32.56 -24.96 11.72
C LEU B 192 32.62 -24.92 11.77
N PHE B 193 31.81 -23.92 12.10
CA PHE B 193 32.04 -22.55 11.59
C PHE B 193 33.45 -22.12 11.96
N LEU B 194 33.82 -22.28 13.23
CA LEU B 194 35.13 -21.79 13.73
C LEU B 194 36.29 -22.58 13.11
N LYS B 195 36.19 -23.90 12.99
CA LYS B 195 37.28 -24.69 12.33
C LYS B 195 37.46 -24.21 10.88
N VAL B 196 36.37 -24.08 10.12
CA VAL B 196 36.45 -23.52 8.74
C VAL B 196 37.05 -22.11 8.80
N ALA B 197 36.72 -21.29 9.79
CA ALA B 197 37.24 -19.90 9.83
C ALA B 197 38.76 -19.93 9.98
N ARG B 198 39.29 -20.83 10.83
CA ARG B 198 40.76 -20.99 11.05
C ARG B 198 41.44 -21.47 9.76
N ASP B 199 40.86 -22.45 9.07
CA ASP B 199 41.37 -22.95 7.76
C ASP B 199 41.43 -21.80 6.75
N VAL B 200 40.43 -20.93 6.69
CA VAL B 200 40.37 -19.82 5.67
C VAL B 200 41.43 -18.78 6.04
N ALA B 201 41.55 -18.43 7.32
CA ALA B 201 42.51 -17.40 7.85
C ALA B 201 43.95 -17.75 7.41
N THR B 202 44.27 -19.04 7.35
CA THR B 202 45.56 -19.58 6.87
C THR B 202 45.96 -18.91 5.54
N GLN B 203 45.00 -18.61 4.67
CA GLN B 203 45.29 -18.17 3.27
C GLN B 203 45.45 -16.66 3.19
N TYR B 204 45.26 -15.93 4.28
CA TYR B 204 45.43 -14.46 4.34
C TYR B 204 46.38 -14.11 5.48
N PRO B 205 47.67 -14.48 5.39
CA PRO B 205 48.57 -14.39 6.54
C PRO B 205 48.81 -12.95 7.00
N GLU B 206 48.71 -11.97 6.10
CA GLU B 206 48.94 -10.53 6.43
C GLU B 206 47.75 -9.97 7.23
N ILE B 207 46.60 -10.64 7.27
CA ILE B 207 45.41 -10.16 8.06
C ILE B 207 45.37 -10.87 9.41
N GLU B 208 45.33 -10.09 10.47
CA GLU B 208 45.20 -10.64 11.84
C GLU B 208 43.87 -11.40 11.93
N PHE B 209 43.92 -12.63 12.43
CA PHE B 209 42.74 -13.48 12.68
C PHE B 209 42.58 -13.61 14.19
N GLN B 210 41.39 -13.26 14.69
CA GLN B 210 41.03 -13.35 16.11
C GLN B 210 39.77 -14.22 16.22
N GLU B 211 39.70 -15.05 17.25
CA GLU B 211 38.49 -15.83 17.60
C GLU B 211 37.94 -15.22 18.88
N MET B 212 36.63 -15.28 19.08
CA MET B 212 35.99 -14.67 20.27
C MET B 212 34.57 -15.24 20.43
N ILE B 213 34.24 -15.56 21.68
CA ILE B 213 32.94 -16.13 22.08
C ILE B 213 31.93 -14.98 22.12
N VAL B 214 30.72 -15.25 21.66
CA VAL B 214 29.72 -14.19 21.31
C VAL B 214 29.40 -13.32 22.53
N ASP B 215 29.30 -13.90 23.72
CA ASP B 215 28.95 -13.13 24.95
C ASP B 215 30.08 -12.13 25.28
N ASN B 216 31.31 -12.60 25.34
CA ASN B 216 32.52 -11.72 25.44
C ASN B 216 32.44 -10.64 24.35
N THR B 217 32.16 -11.01 23.10
CA THR B 217 32.13 -10.02 22.01
C THR B 217 31.15 -8.88 22.34
N CYS B 218 29.95 -9.18 22.86
CA CYS B 218 28.93 -8.16 23.19
C CYS B 218 29.45 -7.28 24.35
N MET B 219 30.11 -7.86 25.34
CA MET B 219 30.72 -7.08 26.46
C MET B 219 31.82 -6.17 25.91
N GLN B 220 32.70 -6.69 25.05
CA GLN B 220 33.84 -5.94 24.44
C GLN B 220 33.29 -4.80 23.57
N LEU B 221 32.22 -5.06 22.82
CA LEU B 221 31.57 -4.08 21.91
C LEU B 221 31.09 -2.87 22.73
N VAL B 222 30.56 -3.07 23.93
CA VAL B 222 30.02 -1.91 24.71
C VAL B 222 31.11 -1.27 25.57
N MET B 223 32.33 -1.80 25.62
CA MET B 223 33.40 -1.20 26.47
C MET B 223 34.47 -0.54 25.58
N ARG B 224 34.98 -1.28 24.61
N ARG B 224 34.95 -1.27 24.59
CA ARG B 224 35.99 -0.75 23.66
CA ARG B 224 36.00 -0.78 23.66
C ARG B 224 35.62 -1.20 22.25
C ARG B 224 35.62 -1.20 22.24
N PRO B 225 34.51 -0.66 21.69
CA PRO B 225 34.13 -0.98 20.32
C PRO B 225 35.19 -0.59 19.29
N GLU B 226 36.16 0.25 19.67
CA GLU B 226 37.26 0.77 18.80
C GLU B 226 38.19 -0.36 18.39
N GLN B 227 38.25 -1.46 19.17
CA GLN B 227 39.21 -2.57 18.93
C GLN B 227 38.78 -3.32 17.68
N PHE B 228 37.52 -3.25 17.27
CA PHE B 228 36.97 -4.18 16.24
C PHE B 228 37.13 -3.56 14.86
N ASP B 229 37.38 -4.42 13.88
CA ASP B 229 37.58 -4.07 12.47
C ASP B 229 36.52 -4.78 11.62
N ILE B 230 36.78 -6.00 11.16
CA ILE B 230 35.77 -6.87 10.52
C ILE B 230 35.41 -7.97 11.53
N ILE B 231 34.11 -8.11 11.80
CA ILE B 231 33.53 -9.22 12.59
C ILE B 231 32.83 -10.15 11.60
N VAL B 232 33.20 -11.43 11.58
CA VAL B 232 32.49 -12.43 10.75
C VAL B 232 31.86 -13.45 11.69
N THR B 233 30.61 -13.79 11.41
CA THR B 233 29.82 -14.65 12.30
C THR B 233 28.63 -15.25 11.57
N THR B 234 27.94 -16.14 12.27
CA THR B 234 26.79 -16.89 11.76
C THR B 234 25.52 -16.02 11.87
N ASN B 235 24.43 -16.55 11.35
CA ASN B 235 23.22 -15.78 10.96
C ASN B 235 22.59 -15.06 12.16
N LEU B 236 22.20 -15.80 13.19
CA LEU B 236 21.54 -15.24 14.40
C LEU B 236 22.51 -14.34 15.18
N PHE B 237 23.75 -14.75 15.38
CA PHE B 237 24.75 -13.97 16.16
C PHE B 237 24.98 -12.63 15.45
N GLY B 238 25.11 -12.65 14.13
CA GLY B 238 25.32 -11.44 13.31
C GLY B 238 24.10 -10.53 13.39
N ASP B 239 22.92 -11.13 13.48
CA ASP B 239 21.67 -10.36 13.69
C ASP B 239 21.74 -9.55 14.98
N ILE B 240 22.05 -10.20 16.10
CA ILE B 240 22.15 -9.55 17.42
C ILE B 240 23.29 -8.52 17.39
N ILE B 241 24.45 -8.91 16.89
CA ILE B 241 25.67 -8.03 16.93
C ILE B 241 25.46 -6.76 16.10
N SER B 242 24.85 -6.90 14.91
N SER B 242 24.84 -6.87 14.92
CA SER B 242 24.60 -5.78 13.96
CA SER B 242 24.69 -5.69 14.01
C SER B 242 23.65 -4.77 14.59
C SER B 242 23.64 -4.74 14.58
N ASP B 243 22.62 -5.25 15.28
CA ASP B 243 21.65 -4.38 15.99
C ASP B 243 22.36 -3.68 17.17
N LEU B 244 23.21 -4.36 17.94
CA LEU B 244 24.04 -3.75 19.04
C LEU B 244 24.94 -2.65 18.45
N CYS B 245 25.65 -2.93 17.36
CA CYS B 245 26.58 -1.95 16.75
C CYS B 245 25.80 -0.74 16.22
N ALA B 246 24.59 -0.94 15.69
CA ALA B 246 23.69 0.19 15.31
C ALA B 246 23.49 1.09 16.54
N GLY B 247 23.24 0.50 17.69
CA GLY B 247 23.13 1.27 18.94
C GLY B 247 24.39 2.07 19.23
N LEU B 248 25.57 1.52 18.96
CA LEU B 248 26.84 2.20 19.24
C LEU B 248 26.98 3.49 18.40
N VAL B 249 26.39 3.57 17.21
CA VAL B 249 26.68 4.70 16.28
C VAL B 249 25.46 5.63 16.19
N GLY B 250 24.45 5.47 17.02
CA GLY B 250 23.33 6.42 17.07
C GLY B 250 21.98 5.77 16.79
N GLY B 251 21.92 4.46 16.57
CA GLY B 251 20.64 3.72 16.52
C GLY B 251 20.28 3.25 15.13
N LEU B 252 19.13 2.63 15.01
CA LEU B 252 18.72 1.89 13.80
C LEU B 252 18.57 2.89 12.63
N GLY B 253 18.45 4.17 12.89
CA GLY B 253 18.30 5.19 11.84
C GLY B 253 19.54 5.38 11.01
N LEU B 254 20.66 4.77 11.39
CA LEU B 254 21.96 5.02 10.72
C LEU B 254 22.71 3.70 10.43
N ALA B 255 22.01 2.61 10.15
CA ALA B 255 22.66 1.28 10.02
C ALA B 255 22.14 0.55 8.77
N PRO B 256 22.94 0.49 7.69
CA PRO B 256 22.58 -0.29 6.52
C PRO B 256 23.08 -1.74 6.57
N GLY B 257 22.50 -2.59 5.72
CA GLY B 257 22.79 -4.03 5.61
C GLY B 257 22.52 -4.52 4.19
N ALA B 258 23.60 -4.83 3.46
CA ALA B 258 23.54 -5.32 2.06
C ALA B 258 23.56 -6.85 2.05
N ASN B 259 22.57 -7.44 1.39
CA ASN B 259 22.52 -8.90 1.19
C ASN B 259 23.17 -9.22 -0.16
N ILE B 260 24.41 -9.73 -0.16
CA ILE B 260 25.24 -9.92 -1.39
C ILE B 260 25.34 -11.40 -1.73
N GLY B 261 25.10 -11.71 -2.99
CA GLY B 261 25.25 -13.06 -3.55
C GLY B 261 26.10 -12.99 -4.80
N VAL B 262 26.28 -14.10 -5.48
CA VAL B 262 27.14 -14.12 -6.70
C VAL B 262 26.40 -13.40 -7.84
N ASP B 263 25.10 -13.61 -8.01
CA ASP B 263 24.35 -13.16 -9.23
C ASP B 263 23.38 -12.02 -8.92
N ALA B 264 23.19 -11.70 -7.64
CA ALA B 264 22.15 -10.74 -7.21
C ALA B 264 22.58 -10.09 -5.90
N ALA B 265 21.92 -9.00 -5.54
CA ALA B 265 22.16 -8.23 -4.33
C ALA B 265 20.88 -7.46 -4.00
N ILE B 266 20.49 -7.50 -2.74
CA ILE B 266 19.36 -6.71 -2.20
C ILE B 266 19.89 -5.81 -1.10
N PHE B 267 19.74 -4.50 -1.27
CA PHE B 267 20.21 -3.45 -0.34
C PHE B 267 19.04 -2.97 0.49
N GLU B 268 19.23 -2.93 1.80
CA GLU B 268 18.18 -2.50 2.75
C GLU B 268 18.84 -1.87 3.97
N ALA B 269 17.98 -1.39 4.88
CA ALA B 269 18.31 -0.99 6.26
C ALA B 269 18.37 -2.24 7.14
N VAL B 270 19.12 -2.15 8.23
CA VAL B 270 19.16 -3.20 9.27
C VAL B 270 17.78 -3.23 9.95
N HIS B 271 17.12 -2.08 10.13
CA HIS B 271 15.90 -1.96 10.98
C HIS B 271 14.68 -2.63 10.32
N GLY B 272 13.65 -2.86 11.15
CA GLY B 272 12.37 -3.45 10.73
C GLY B 272 11.36 -2.37 10.37
N SER B 273 10.10 -2.75 10.46
CA SER B 273 8.97 -1.93 9.93
C SER B 273 8.52 -0.91 10.99
N ALA B 274 9.08 -0.95 12.21
CA ALA B 274 8.88 0.07 13.28
C ALA B 274 7.40 0.42 13.38
N PRO B 275 6.52 -0.55 13.71
CA PRO B 275 5.08 -0.30 13.73
C PRO B 275 4.65 0.80 14.72
N ASP B 276 5.35 0.97 15.84
CA ASP B 276 5.08 1.99 16.90
C ASP B 276 5.09 3.40 16.29
N ILE B 277 5.78 3.65 15.19
CA ILE B 277 5.88 5.02 14.58
C ILE B 277 5.38 4.99 13.12
N ALA B 278 4.94 3.84 12.62
CA ALA B 278 4.53 3.66 11.21
C ALA B 278 3.55 4.77 10.80
N GLY B 279 3.90 5.50 9.75
CA GLY B 279 2.99 6.38 9.02
C GLY B 279 2.89 7.74 9.66
N GLN B 280 3.70 8.02 10.68
CA GLN B 280 3.62 9.31 11.41
C GLN B 280 4.70 10.28 10.93
N GLY B 281 5.49 9.91 9.91
CA GLY B 281 6.52 10.79 9.34
C GLY B 281 7.69 11.07 10.30
N LYS B 282 7.88 10.25 11.33
CA LYS B 282 9.01 10.38 12.30
C LYS B 282 10.25 9.60 11.85
N ALA B 283 10.07 8.51 11.09
CA ALA B 283 11.16 7.56 10.79
C ALA B 283 12.35 8.29 10.18
N ASN B 284 13.56 7.91 10.63
CA ASN B 284 14.84 8.35 10.02
C ASN B 284 15.07 7.55 8.75
N PRO B 285 15.22 8.20 7.58
CA PRO B 285 15.49 7.51 6.33
C PRO B 285 16.96 7.24 6.01
N CYS B 286 17.87 7.52 6.95
CA CYS B 286 19.33 7.50 6.69
C CYS B 286 19.82 6.05 6.54
N ALA B 287 19.28 5.12 7.31
CA ALA B 287 19.67 3.69 7.20
C ALA B 287 19.43 3.24 5.75
N LEU B 288 18.22 3.49 5.22
CA LEU B 288 17.91 3.07 3.83
C LEU B 288 18.80 3.85 2.87
N LEU B 289 19.10 5.12 3.14
CA LEU B 289 19.93 5.90 2.17
C LEU B 289 21.37 5.36 2.17
N LEU B 290 21.85 4.92 3.33
CA LEU B 290 23.22 4.33 3.48
C LEU B 290 23.23 2.97 2.76
N GLY B 291 22.11 2.24 2.76
CA GLY B 291 21.97 1.02 1.95
C GLY B 291 22.00 1.36 0.48
N ALA B 292 21.34 2.45 0.08
CA ALA B 292 21.39 2.88 -1.33
C ALA B 292 22.82 3.29 -1.68
N ALA B 293 23.57 3.89 -0.76
CA ALA B 293 24.99 4.21 -1.02
C ALA B 293 25.80 2.93 -1.26
N GLN B 294 25.58 1.88 -0.45
CA GLN B 294 26.19 0.56 -0.66
C GLN B 294 25.83 0.03 -2.05
N MET B 295 24.56 0.14 -2.43
CA MET B 295 24.04 -0.25 -3.78
C MET B 295 24.81 0.51 -4.88
N LEU B 296 24.97 1.82 -4.72
CA LEU B 296 25.72 2.64 -5.70
C LEU B 296 27.17 2.12 -5.82
N ASP B 297 27.84 1.77 -4.71
CA ASP B 297 29.21 1.20 -4.78
C ASP B 297 29.14 -0.10 -5.60
N HIS B 298 28.16 -0.96 -5.32
CA HIS B 298 28.00 -2.29 -5.94
C HIS B 298 27.77 -2.15 -7.46
N ILE B 299 27.03 -1.15 -7.92
CA ILE B 299 26.68 -1.06 -9.37
C ILE B 299 27.64 -0.12 -10.10
N GLY B 300 28.75 0.31 -9.49
CA GLY B 300 29.87 0.94 -10.22
C GLY B 300 29.79 2.45 -10.25
N GLN B 301 29.11 3.06 -9.28
CA GLN B 301 29.00 4.53 -9.12
C GLN B 301 29.58 4.94 -7.76
N PRO B 302 30.89 4.74 -7.51
CA PRO B 302 31.49 5.14 -6.23
C PRO B 302 31.46 6.64 -5.94
N GLN B 303 31.54 7.49 -6.96
CA GLN B 303 31.53 8.96 -6.79
C GLN B 303 30.15 9.39 -6.26
N ASN B 304 29.07 8.82 -6.79
CA ASN B 304 27.70 9.15 -6.30
C ASN B 304 27.50 8.57 -4.89
N ALA B 305 28.04 7.36 -4.58
CA ALA B 305 27.93 6.76 -3.23
C ALA B 305 28.58 7.68 -2.19
N GLU B 306 29.81 8.13 -2.48
CA GLU B 306 30.56 9.08 -1.63
C GLU B 306 29.80 10.40 -1.47
N ARG B 307 29.27 10.95 -2.57
CA ARG B 307 28.48 12.20 -2.56
C ARG B 307 27.27 12.04 -1.62
N LEU B 308 26.53 10.93 -1.70
CA LEU B 308 25.35 10.71 -0.81
C LEU B 308 25.84 10.63 0.65
N ARG B 309 26.94 9.91 0.90
CA ARG B 309 27.44 9.76 2.29
C ARG B 309 27.84 11.13 2.83
N GLU B 310 28.58 11.92 2.05
CA GLU B 310 29.07 13.25 2.49
C GLU B 310 27.87 14.16 2.77
N ALA B 311 26.85 14.12 1.91
CA ALA B 311 25.59 14.88 2.08
C ALA B 311 24.97 14.54 3.44
N ILE B 312 24.95 13.26 3.79
CA ILE B 312 24.34 12.79 5.06
C ILE B 312 25.17 13.30 6.23
N VAL B 313 26.48 13.06 6.22
CA VAL B 313 27.38 13.50 7.31
C VAL B 313 27.22 15.02 7.49
N ALA B 314 27.31 15.78 6.40
CA ALA B 314 27.27 17.28 6.42
C ALA B 314 25.92 17.73 6.97
N THR B 315 24.84 17.00 6.68
CA THR B 315 23.48 17.33 7.18
C THR B 315 23.40 17.11 8.70
N LEU B 316 23.92 16.01 9.22
CA LEU B 316 23.97 15.76 10.69
C LEU B 316 24.88 16.82 11.35
N GLU B 317 26.03 17.11 10.75
CA GLU B 317 26.99 18.15 11.19
C GLU B 317 26.29 19.51 11.30
N ALA B 318 25.41 19.86 10.37
CA ALA B 318 24.66 21.13 10.40
C ALA B 318 23.38 20.98 11.24
N LYS B 319 23.07 19.80 11.79
CA LYS B 319 21.86 19.57 12.63
C LYS B 319 20.61 20.07 11.90
N ASP B 320 20.54 19.79 10.59
CA ASP B 320 19.50 20.38 9.71
C ASP B 320 18.36 19.37 9.53
N SER B 321 17.21 19.64 10.15
CA SER B 321 15.92 18.93 9.95
C SER B 321 16.10 17.46 10.31
N LEU B 322 16.72 17.23 11.48
CA LEU B 322 16.99 15.88 12.03
C LEU B 322 15.69 15.35 12.62
N THR B 323 15.42 14.06 12.40
CA THR B 323 14.27 13.32 12.98
C THR B 323 14.47 13.15 14.47
N PRO B 324 13.39 12.86 15.25
CA PRO B 324 13.43 12.77 16.70
C PRO B 324 14.46 11.78 17.28
N ASP B 325 14.71 10.67 16.58
CA ASP B 325 15.69 9.63 16.99
C ASP B 325 17.10 10.24 17.05
N LEU B 326 17.37 11.32 16.32
CA LEU B 326 18.67 12.02 16.39
C LEU B 326 18.57 13.26 17.29
N GLY B 327 17.46 13.43 18.00
CA GLY B 327 17.24 14.58 18.90
C GLY B 327 16.77 15.80 18.15
N GLY B 328 16.30 15.65 16.91
CA GLY B 328 15.69 16.73 16.12
C GLY B 328 14.18 16.73 16.22
N THR B 329 13.52 17.72 15.62
CA THR B 329 12.05 17.88 15.60
C THR B 329 11.55 17.77 14.15
N GLY B 330 12.39 17.32 13.23
CA GLY B 330 12.07 17.20 11.81
C GLY B 330 11.25 15.95 11.50
N ASN B 331 11.02 15.73 10.21
CA ASN B 331 10.20 14.62 9.68
C ASN B 331 10.98 13.95 8.57
N THR B 332 10.52 12.75 8.20
CA THR B 332 11.20 11.89 7.22
C THR B 332 11.51 12.70 5.96
N MET B 333 10.48 13.31 5.35
CA MET B 333 10.68 13.98 4.03
C MET B 333 11.46 15.30 4.22
N GLY B 334 11.28 15.99 5.35
CA GLY B 334 12.11 17.17 5.68
C GLY B 334 13.57 16.76 5.74
N PHE B 335 13.86 15.67 6.43
CA PHE B 335 15.26 15.17 6.59
C PHE B 335 15.78 14.86 5.18
N ALA B 336 15.00 14.15 4.37
CA ALA B 336 15.42 13.80 2.99
C ALA B 336 15.75 15.09 2.20
N LYS B 337 14.89 16.10 2.24
CA LYS B 337 15.12 17.38 1.48
C LYS B 337 16.40 18.04 2.01
N ALA B 338 16.59 18.09 3.32
CA ALA B 338 17.83 18.64 3.91
C ALA B 338 19.06 17.94 3.31
N ILE B 339 19.03 16.61 3.18
CA ILE B 339 20.17 15.84 2.59
C ILE B 339 20.26 16.15 1.08
N ALA B 340 19.13 16.16 0.39
CA ALA B 340 19.10 16.36 -1.08
C ALA B 340 19.77 17.70 -1.43
N SER B 341 19.56 18.72 -0.58
CA SER B 341 20.00 20.12 -0.82
C SER B 341 21.53 20.24 -0.65
N ARG B 342 22.20 19.25 -0.06
CA ARG B 342 23.68 19.28 0.10
C ARG B 342 24.36 18.39 -0.94
N LEU B 343 23.65 18.01 -2.00
CA LEU B 343 24.24 17.29 -3.14
C LEU B 343 24.77 18.29 -4.18
PA NAD C . -12.10 2.59 -13.45
O1A NAD C . -13.42 3.19 -13.11
O2A NAD C . -11.05 2.72 -12.40
O5B NAD C . -11.49 3.02 -14.87
C5B NAD C . -12.30 2.98 -16.03
C4B NAD C . -11.80 3.91 -17.12
O4B NAD C . -12.39 5.21 -16.90
C3B NAD C . -10.29 4.10 -17.09
O3B NAD C . -9.84 4.12 -18.40
C2B NAD C . -10.07 5.45 -16.41
O2B NAD C . -8.86 6.15 -16.83
C1B NAD C . -11.36 6.18 -16.77
N9A NAD C . -11.79 7.00 -15.66
C8A NAD C . -12.26 6.48 -14.50
N7A NAD C . -12.55 7.50 -13.67
C5A NAD C . -12.26 8.65 -14.31
C6A NAD C . -12.31 9.98 -13.94
N6A NAD C . -12.77 10.39 -12.77
N1A NAD C . -11.94 10.90 -14.82
C2A NAD C . -11.47 10.55 -16.02
N3A NAD C . -11.38 9.28 -16.43
C4A NAD C . -11.78 8.33 -15.59
O3 NAD C . -12.44 1.04 -13.58
PN NAD C . -11.35 -0.15 -13.55
O1N NAD C . -12.16 -1.32 -14.12
O2N NAD C . -10.07 0.05 -14.26
O5D NAD C . -10.97 -0.50 -12.02
C5D NAD C . -9.77 -0.07 -11.37
C4D NAD C . -9.76 -0.44 -9.89
O4D NAD C . -10.76 0.31 -9.21
C3D NAD C . -10.08 -1.88 -9.58
O3D NAD C . -9.12 -2.30 -8.65
C2D NAD C . -11.45 -1.89 -8.93
O2D NAD C . -11.57 -2.90 -7.93
C1D NAD C . -11.53 -0.50 -8.33
N1N NAD C . -12.85 0.15 -8.23
C2N NAD C . -13.20 0.82 -7.10
C3N NAD C . -14.41 1.46 -6.99
C7N NAD C . -14.74 2.22 -5.70
O7N NAD C . -13.84 2.66 -5.03
N7N NAD C . -15.97 2.42 -5.23
C4N NAD C . -15.29 1.37 -8.07
C5N NAD C . -14.91 0.66 -9.22
C6N NAD C . -13.68 0.07 -9.29
C1 ICA D . -18.50 -0.20 -7.37
C2 ICA D . -17.29 -1.03 -7.76
C3 ICA D . -16.97 -2.10 -6.73
C4 ICA D . -15.56 -2.63 -7.04
C5 ICA D . -14.61 -2.67 -5.87
C6 ICA D . -18.10 -3.11 -6.88
O1 ICA D . -19.17 -0.55 -6.38
O2 ICA D . -18.81 0.83 -8.06
O3 ICA D . -14.99 -2.67 -4.70
O4 ICA D . -13.42 -2.71 -6.13
O5 ICA D . -18.99 -3.16 -6.00
O6 ICA D . -18.13 -3.83 -7.92
O7 ICA D . -17.38 -1.67 -9.09
CA ICA D . -18.65 -0.50 -10.68
C1 GOL E . -27.44 -11.52 -8.08
O1 GOL E . -28.64 -11.90 -8.80
C2 GOL E . -27.38 -9.99 -7.89
O2 GOL E . -26.14 -9.35 -7.59
C3 GOL E . -27.72 -9.39 -9.21
O3 GOL E . -27.40 -8.01 -9.22
PA NAD F . 12.25 -2.41 14.50
O1A NAD F . 11.17 -2.36 13.48
O2A NAD F . 13.56 -2.46 13.80
O5B NAD F . 12.19 -1.20 15.53
C5B NAD F . 12.81 -1.28 16.80
C4B NAD F . 12.84 0.13 17.37
O4B NAD F . 13.64 1.02 16.60
C3B NAD F . 11.45 0.72 17.34
O3B NAD F . 11.24 1.38 18.57
C2B NAD F . 11.43 1.66 16.12
O2B NAD F . 10.48 2.73 16.18
C1B NAD F . 12.88 2.10 16.04
N9A NAD F . 13.27 2.33 14.66
C8A NAD F . 13.53 1.39 13.72
N7A NAD F . 13.85 2.01 12.57
C5A NAD F . 13.76 3.32 12.77
C6A NAD F . 13.95 4.41 11.97
N6A NAD F . 14.32 4.24 10.68
N1A NAD F . 13.77 5.65 12.50
C2A NAD F . 13.43 5.80 13.78
N3A NAD F . 13.24 4.77 14.57
C4A NAD F . 13.41 3.52 14.10
O3 NAD F . 12.22 -3.74 15.37
PN NAD F . 10.99 -4.62 15.81
O1N NAD F . 11.62 -5.60 16.73
O2N NAD F . 9.91 -3.86 16.52
O5D NAD F . 10.38 -5.38 14.53
C5D NAD F . 9.13 -5.02 13.94
C4D NAD F . 8.94 -5.87 12.67
O4D NAD F . 10.01 -5.61 11.73
C3D NAD F . 9.02 -7.37 12.97
O3D NAD F . 7.84 -7.95 12.47
C2D NAD F . 10.24 -7.87 12.23
O2D NAD F . 9.98 -9.14 11.68
C1D NAD F . 10.48 -6.83 11.16
N1N NAD F . 11.88 -6.67 10.77
C2N NAD F . 12.22 -6.69 9.48
C3N NAD F . 13.52 -6.51 9.05
C7N NAD F . 13.83 -6.53 7.57
O7N NAD F . 12.94 -6.26 6.77
N7N NAD F . 15.06 -6.80 7.15
C4N NAD F . 14.52 -6.27 10.00
C5N NAD F . 14.18 -6.25 11.36
C6N NAD F . 12.84 -6.45 11.73
C1 ICA G . 17.23 -8.57 10.02
C2 ICA G . 15.96 -8.93 10.79
C3 ICA G . 15.27 -10.17 10.24
C4 ICA G . 13.89 -10.32 10.88
C5 ICA G . 12.78 -10.59 9.88
C6 ICA G . 16.24 -11.28 10.56
O1 ICA G . 18.00 -7.63 10.42
O2 ICA G . 17.51 -9.23 8.99
O3 ICA G . 11.74 -10.06 10.13
O4 ICA G . 12.85 -11.30 8.87
O5 ICA G . 17.26 -11.34 9.84
O6 ICA G . 16.06 -12.02 11.55
O7 ICA G . 16.20 -9.00 12.23
CA ICA G . 17.95 -7.66 13.08
C1 GOL H . 24.32 -18.23 14.23
O1 GOL H . 23.86 -17.01 14.72
C2 GOL H . 23.26 -19.25 14.34
O2 GOL H . 22.44 -18.92 13.21
C3 GOL H . 23.96 -20.62 14.47
O3 GOL H . 24.38 -20.73 15.86
C1 GOL I . 36.40 -7.24 31.51
O1 GOL I . 35.04 -6.76 31.54
C2 GOL I . 37.42 -6.25 30.92
O2 GOL I . 37.41 -6.32 29.48
C3 GOL I . 37.12 -4.82 31.34
O3 GOL I . 38.24 -3.98 31.11
#